data_3G5P
#
_entry.id   3G5P
#
_cell.length_a   116.332
_cell.length_b   77.825
_cell.length_c   111.041
_cell.angle_alpha   90.00
_cell.angle_beta   107.93
_cell.angle_gamma   90.00
#
_symmetry.space_group_name_H-M   'C 1 2 1'
#
loop_
_entity.id
_entity.type
_entity.pdbx_description
1 polymer 'Peptide deformylase, mitochondrial'
2 non-polymer 'COBALT (II) ION'
3 non-polymer 'PHOSPHATE ION'
4 water water
#
_entity_poly.entity_id   1
_entity_poly.type   'polypeptide(L)'
_entity_poly.pdbx_seq_one_letter_code
;HMSFSHVCQVGDPVLRGVAAPVERAQLGGPELQRLTQRLVQVMRRRRCVGLSAPQLGVPRQVLALELPEALCRECPPRQR
ALRQMEPFPLRVFVNPSLRVLDSRLVTFPEGCESVAGFLACVPRFQAVQISGLDPNGEQVVWQASGWAARIIQHEMDHLQ
GCLFIDKMDSRTFTNVYWMKVND
;
_entity_poly.pdbx_strand_id   A,B,C,D
#
# COMPACT_ATOMS: atom_id res chain seq x y z
N HIS A 1 -53.27 31.76 14.39
CA HIS A 1 -52.21 32.72 13.99
C HIS A 1 -51.04 32.02 13.22
N MET A 2 -50.45 32.75 12.30
CA MET A 2 -49.32 32.19 11.52
C MET A 2 -48.12 33.11 11.54
N SER A 3 -46.94 32.53 11.39
CA SER A 3 -45.75 33.36 11.35
C SER A 3 -44.83 32.67 10.32
N PHE A 4 -43.64 33.21 10.15
CA PHE A 4 -42.73 32.64 9.18
C PHE A 4 -41.57 32.04 9.91
N SER A 5 -40.99 30.95 9.38
CA SER A 5 -39.75 30.42 9.96
C SER A 5 -38.81 30.25 8.81
N HIS A 6 -37.52 30.30 9.07
CA HIS A 6 -36.60 30.08 7.99
C HIS A 6 -35.45 29.17 8.51
N VAL A 7 -34.96 28.37 7.60
CA VAL A 7 -33.75 27.55 7.87
C VAL A 7 -32.51 28.32 7.46
N CYS A 8 -31.68 28.67 8.45
CA CYS A 8 -30.49 29.50 8.21
C CYS A 8 -29.57 28.71 7.23
N GLN A 9 -28.93 29.49 6.34
CA GLN A 9 -28.08 28.90 5.26
C GLN A 9 -26.60 29.18 5.58
N VAL A 10 -25.79 28.35 4.95
CA VAL A 10 -24.35 28.37 5.22
C VAL A 10 -23.75 29.75 4.94
N GLY A 11 -22.96 30.24 5.92
CA GLY A 11 -22.59 31.66 5.96
C GLY A 11 -23.05 32.28 7.25
N ASP A 12 -24.28 31.90 7.68
CA ASP A 12 -24.76 32.37 8.99
C ASP A 12 -23.85 31.77 10.09
N PRO A 13 -23.26 32.63 10.93
CA PRO A 13 -22.29 32.08 11.88
C PRO A 13 -22.94 31.21 12.93
N VAL A 14 -24.26 31.35 13.14
CA VAL A 14 -24.96 30.45 14.08
C VAL A 14 -24.73 28.95 13.72
N LEU A 15 -24.50 28.63 12.47
CA LEU A 15 -24.30 27.24 12.07
C LEU A 15 -22.92 26.71 12.38
N ARG A 16 -22.00 27.60 12.76
CA ARG A 16 -20.60 27.17 13.03
C ARG A 16 -20.23 27.32 14.50
N GLY A 17 -21.10 27.90 15.34
CA GLY A 17 -20.86 27.99 16.79
C GLY A 17 -21.10 26.64 17.47
N VAL A 18 -20.64 26.49 18.72
CA VAL A 18 -21.03 25.28 19.44
C VAL A 18 -22.22 25.66 20.30
N ALA A 19 -23.35 25.02 20.04
CA ALA A 19 -24.61 25.42 20.72
C ALA A 19 -24.49 25.27 22.27
N ALA A 20 -25.14 26.19 22.97
CA ALA A 20 -25.03 26.17 24.46
C ALA A 20 -26.05 25.17 24.97
N PRO A 21 -25.79 24.59 26.12
CA PRO A 21 -26.85 23.75 26.69
C PRO A 21 -28.13 24.48 27.10
N VAL A 22 -29.26 23.75 27.20
CA VAL A 22 -30.50 24.28 27.74
C VAL A 22 -30.35 24.17 29.29
N GLU A 23 -30.58 25.29 29.98
CA GLU A 23 -30.40 25.36 31.46
C GLU A 23 -31.54 24.60 32.15
N ARG A 24 -31.25 23.97 33.29
CA ARG A 24 -32.25 23.17 33.98
C ARG A 24 -33.53 23.96 34.18
N ALA A 25 -33.38 25.26 34.44
CA ALA A 25 -34.56 26.13 34.66
C ALA A 25 -35.48 26.27 33.47
N GLN A 26 -34.97 26.06 32.25
CA GLN A 26 -35.83 26.07 31.06
C GLN A 26 -36.51 24.77 30.72
N LEU A 27 -36.10 23.68 31.37
CA LEU A 27 -36.72 22.37 31.01
C LEU A 27 -38.20 22.38 31.39
N GLY A 28 -39.04 21.77 30.51
CA GLY A 28 -40.50 21.80 30.74
C GLY A 28 -41.23 23.10 30.45
N GLY A 29 -40.48 24.17 30.20
CA GLY A 29 -41.07 25.52 30.12
C GLY A 29 -41.57 25.87 28.74
N PRO A 30 -42.31 26.97 28.65
CA PRO A 30 -43.03 27.33 27.45
C PRO A 30 -42.12 27.80 26.32
N GLU A 31 -41.02 28.45 26.65
CA GLU A 31 -40.10 28.85 25.57
C GLU A 31 -39.46 27.64 24.88
N LEU A 32 -39.05 26.66 25.69
CA LEU A 32 -38.54 25.43 25.08
C LEU A 32 -39.62 24.66 24.30
N GLN A 33 -40.85 24.62 24.83
CA GLN A 33 -41.94 24.02 24.02
C GLN A 33 -42.19 24.75 22.71
N ARG A 34 -42.10 26.08 22.71
CA ARG A 34 -42.29 26.79 21.44
C ARG A 34 -41.19 26.38 20.44
N LEU A 35 -39.95 26.28 20.95
CA LEU A 35 -38.85 25.90 20.09
C LEU A 35 -39.01 24.49 19.52
N THR A 36 -39.39 23.53 20.38
CA THR A 36 -39.55 22.13 19.92
C THR A 36 -40.74 22.05 18.91
N GLN A 37 -41.85 22.77 19.14
CA GLN A 37 -42.96 22.73 18.20
C GLN A 37 -42.55 23.27 16.86
N ARG A 38 -41.79 24.33 16.87
CA ARG A 38 -41.30 24.94 15.64
C ARG A 38 -40.38 24.03 14.86
N LEU A 39 -39.41 23.44 15.55
CA LEU A 39 -38.58 22.41 14.91
C LEU A 39 -39.38 21.35 14.21
N VAL A 40 -40.30 20.70 14.96
CA VAL A 40 -41.11 19.64 14.36
C VAL A 40 -41.95 20.11 13.20
N GLN A 41 -42.53 21.31 13.26
CA GLN A 41 -43.32 21.84 12.15
C GLN A 41 -42.45 22.06 10.90
N VAL A 42 -41.23 22.61 11.07
CA VAL A 42 -40.37 22.77 9.90
C VAL A 42 -39.95 21.46 9.32
N MET A 43 -39.63 20.50 10.22
CA MET A 43 -39.18 19.20 9.78
C MET A 43 -40.30 18.53 8.98
N ARG A 44 -41.55 18.63 9.44
CA ARG A 44 -42.64 17.98 8.74
C ARG A 44 -42.98 18.70 7.40
N ARG A 45 -42.84 20.03 7.39
CA ARG A 45 -43.05 20.78 6.15
C ARG A 45 -42.07 20.50 5.06
N ARG A 46 -40.80 20.43 5.44
CA ARG A 46 -39.72 20.17 4.49
C ARG A 46 -39.44 18.67 4.22
N ARG A 47 -40.07 17.80 5.00
CA ARG A 47 -39.92 16.32 4.86
C ARG A 47 -38.43 15.97 5.13
N CYS A 48 -37.80 16.70 6.05
CA CYS A 48 -36.42 16.38 6.42
C CYS A 48 -36.54 15.45 7.70
N VAL A 49 -35.76 14.42 7.80
CA VAL A 49 -35.85 13.45 8.84
C VAL A 49 -35.28 13.97 10.14
N GLY A 50 -34.41 14.95 10.08
CA GLY A 50 -33.96 15.58 11.33
C GLY A 50 -33.82 17.07 11.22
N LEU A 51 -33.68 17.80 12.35
CA LEU A 51 -33.47 19.24 12.29
C LEU A 51 -32.93 19.68 13.63
N SER A 52 -32.06 20.69 13.66
CA SER A 52 -31.52 21.14 14.93
C SER A 52 -31.81 22.61 15.19
N ALA A 53 -31.83 23.00 16.46
CA ALA A 53 -32.16 24.43 16.76
C ALA A 53 -31.26 25.49 16.16
N PRO A 54 -29.94 25.26 16.04
CA PRO A 54 -29.12 26.30 15.39
C PRO A 54 -29.62 26.62 13.97
N GLN A 55 -30.24 25.64 13.33
CA GLN A 55 -30.69 25.83 11.96
C GLN A 55 -31.92 26.75 11.96
N LEU A 56 -32.60 26.89 13.09
CA LEU A 56 -33.65 27.92 13.14
C LEU A 56 -33.16 29.17 13.80
N GLY A 57 -31.83 29.35 13.89
CA GLY A 57 -31.20 30.53 14.47
C GLY A 57 -31.04 30.55 15.99
N VAL A 58 -31.26 29.40 16.62
CA VAL A 58 -31.27 29.30 18.11
C VAL A 58 -30.12 28.47 18.54
N PRO A 59 -29.08 29.11 19.16
CA PRO A 59 -27.80 28.38 19.39
C PRO A 59 -27.92 27.59 20.72
N ARG A 60 -28.85 26.64 20.73
CA ARG A 60 -29.09 25.78 21.90
C ARG A 60 -29.06 24.31 21.47
N GLN A 61 -28.74 23.43 22.45
CA GLN A 61 -28.55 22.02 22.18
C GLN A 61 -29.91 21.31 22.18
N VAL A 62 -30.63 21.45 21.07
CA VAL A 62 -31.94 20.80 20.92
C VAL A 62 -31.98 20.26 19.47
N LEU A 63 -32.46 19.02 19.29
CA LEU A 63 -32.62 18.51 17.92
C LEU A 63 -33.84 17.59 17.92
N ALA A 64 -34.38 17.35 16.73
CA ALA A 64 -35.52 16.43 16.63
C ALA A 64 -35.28 15.49 15.44
N LEU A 65 -35.90 14.33 15.51
CA LEU A 65 -35.67 13.25 14.52
C LEU A 65 -37.03 12.57 14.27
N GLU A 66 -37.41 12.31 13.01
CA GLU A 66 -38.66 11.53 12.77
C GLU A 66 -38.65 10.99 11.37
N LEU A 67 -38.99 9.71 11.17
CA LEU A 67 -39.02 9.16 9.81
C LEU A 67 -40.32 8.38 9.68
N PRO A 68 -41.34 9.04 9.17
CA PRO A 68 -42.67 8.38 8.98
C PRO A 68 -42.60 7.32 7.92
N GLU A 69 -43.52 6.31 8.04
CA GLU A 69 -43.52 5.20 7.10
C GLU A 69 -43.68 5.71 5.67
N ALA A 70 -44.54 6.69 5.46
CA ALA A 70 -44.78 7.26 4.11
C ALA A 70 -43.54 7.81 3.48
N LEU A 71 -42.76 8.58 4.26
CA LEU A 71 -41.57 9.17 3.77
C LEU A 71 -40.54 8.11 3.46
N CYS A 72 -40.46 7.11 4.34
CA CYS A 72 -39.65 6.00 4.10
C CYS A 72 -39.95 5.22 2.79
N ARG A 73 -41.24 5.05 2.51
CA ARG A 73 -41.66 4.37 1.31
C ARG A 73 -41.53 5.21 0.02
N GLU A 74 -41.26 6.51 0.14
CA GLU A 74 -40.95 7.30 -1.06
C GLU A 74 -39.60 6.84 -1.60
N CYS A 75 -38.78 6.19 -0.77
CA CYS A 75 -37.50 5.67 -1.27
C CYS A 75 -37.74 4.28 -1.91
N PRO A 76 -37.32 4.05 -3.17
CA PRO A 76 -37.45 2.69 -3.79
C PRO A 76 -36.90 1.60 -2.87
N PRO A 77 -37.60 0.42 -2.77
CA PRO A 77 -37.25 -0.63 -1.80
C PRO A 77 -35.80 -1.10 -1.91
N ARG A 78 -35.22 -1.12 -3.13
CA ARG A 78 -33.82 -1.57 -3.32
C ARG A 78 -32.84 -0.61 -2.58
N GLN A 79 -33.06 0.67 -2.82
CA GLN A 79 -32.30 1.74 -2.18
C GLN A 79 -32.57 1.83 -0.66
N ARG A 80 -33.80 1.57 -0.27
CA ARG A 80 -34.19 1.57 1.11
C ARG A 80 -33.43 0.45 1.85
N ALA A 81 -33.36 -0.73 1.23
CA ALA A 81 -32.67 -1.83 1.87
C ALA A 81 -31.15 -1.54 1.97
N LEU A 82 -30.59 -1.06 0.86
CA LEU A 82 -29.15 -0.76 0.78
C LEU A 82 -28.77 0.25 1.89
N ARG A 83 -29.60 1.29 2.02
CA ARG A 83 -29.33 2.30 3.07
C ARG A 83 -29.82 1.92 4.46
N GLN A 84 -30.40 0.72 4.64
CA GLN A 84 -30.91 0.34 5.97
C GLN A 84 -31.83 1.46 6.52
N MET A 85 -32.76 1.89 5.70
CA MET A 85 -33.73 2.91 6.11
C MET A 85 -35.03 2.24 6.66
N GLU A 86 -35.35 2.52 7.91
CA GLU A 86 -36.57 2.00 8.46
C GLU A 86 -37.27 3.16 9.18
N PRO A 87 -38.61 3.06 9.32
CA PRO A 87 -39.30 4.16 9.96
C PRO A 87 -38.99 4.23 11.45
N PHE A 88 -39.08 5.42 12.03
CA PHE A 88 -38.98 5.59 13.48
C PHE A 88 -39.81 6.84 13.93
N PRO A 89 -40.27 6.76 15.15
CA PRO A 89 -41.20 7.84 15.59
C PRO A 89 -40.42 9.09 15.97
N LEU A 90 -41.19 10.17 16.19
CA LEU A 90 -40.56 11.40 16.63
C LEU A 90 -39.85 11.27 17.96
N ARG A 91 -38.62 11.78 18.03
CA ARG A 91 -37.89 11.96 19.31
C ARG A 91 -37.27 13.33 19.28
N VAL A 92 -37.37 14.02 20.42
CA VAL A 92 -36.72 15.34 20.57
C VAL A 92 -35.71 15.18 21.68
N PHE A 93 -34.48 15.64 21.44
CA PHE A 93 -33.36 15.50 22.41
C PHE A 93 -32.87 16.90 22.81
N VAL A 94 -32.61 17.07 24.13
CA VAL A 94 -32.09 18.31 24.69
C VAL A 94 -30.82 17.90 25.36
N ASN A 95 -29.78 18.70 25.13
CA ASN A 95 -28.44 18.43 25.70
C ASN A 95 -27.92 17.05 25.46
N PRO A 96 -28.00 16.55 24.20
CA PRO A 96 -27.54 15.21 23.91
C PRO A 96 -26.09 14.96 23.82
N SER A 97 -25.77 13.68 24.09
CA SER A 97 -24.42 13.22 23.85
C SER A 97 -24.48 11.98 22.95
N LEU A 98 -23.36 11.71 22.27
CA LEU A 98 -23.35 10.59 21.29
C LEU A 98 -22.25 9.59 21.64
N ARG A 99 -22.58 8.31 21.60
CA ARG A 99 -21.56 7.23 21.79
C ARG A 99 -21.56 6.42 20.54
N VAL A 100 -20.37 6.10 20.06
CA VAL A 100 -20.37 5.26 18.86
C VAL A 100 -20.43 3.77 19.26
N LEU A 101 -21.36 3.05 18.65
CA LEU A 101 -21.53 1.61 18.99
C LEU A 101 -20.92 0.68 17.98
N ASP A 102 -20.84 1.11 16.74
CA ASP A 102 -20.21 0.28 15.68
C ASP A 102 -19.53 1.30 14.81
N SER A 103 -18.20 1.32 14.88
CA SER A 103 -17.39 2.31 14.14
C SER A 103 -17.15 2.08 12.71
N ARG A 104 -17.73 0.98 12.17
CA ARG A 104 -17.64 0.77 10.74
C ARG A 104 -18.23 1.93 9.98
N LEU A 105 -17.57 2.36 8.89
CA LEU A 105 -18.05 3.48 8.10
C LEU A 105 -18.92 3.04 6.94
N VAL A 106 -19.97 3.85 6.67
CA VAL A 106 -20.87 3.57 5.56
C VAL A 106 -20.98 4.88 4.80
N THR A 107 -20.84 4.82 3.48
CA THR A 107 -20.78 6.08 2.68
C THR A 107 -21.95 6.16 1.71
N PHE A 108 -22.76 7.22 1.85
CA PHE A 108 -23.84 7.53 0.92
C PHE A 108 -23.99 9.03 0.79
N PRO A 109 -24.68 9.46 -0.26
CA PRO A 109 -24.97 10.91 -0.42
C PRO A 109 -25.87 11.41 0.68
N GLU A 110 -25.56 12.60 1.19
CA GLU A 110 -26.52 13.28 2.09
C GLU A 110 -26.59 14.75 1.77
N GLY A 111 -27.68 15.36 2.22
CA GLY A 111 -27.79 16.83 2.00
C GLY A 111 -28.01 17.53 3.33
N CYS A 112 -28.43 18.78 3.26
CA CYS A 112 -28.60 19.52 4.56
C CYS A 112 -29.49 20.68 4.21
N GLU A 113 -30.56 20.83 4.99
CA GLU A 113 -31.41 21.98 4.70
C GLU A 113 -30.74 23.37 4.77
N SER A 114 -29.66 23.46 5.55
CA SER A 114 -28.90 24.73 5.63
C SER A 114 -27.83 24.82 4.51
N VAL A 115 -27.77 23.88 3.52
CA VAL A 115 -26.95 24.08 2.29
C VAL A 115 -27.88 23.64 1.21
N ALA A 116 -28.97 24.41 1.06
CA ALA A 116 -30.07 23.96 0.23
C ALA A 116 -29.59 23.62 -1.26
N GLY A 117 -30.02 22.45 -1.75
CA GLY A 117 -29.90 22.13 -3.15
C GLY A 117 -28.69 21.36 -3.52
N PHE A 118 -27.92 20.88 -2.55
CA PHE A 118 -26.74 20.07 -2.88
C PHE A 118 -26.65 18.78 -2.10
N LEU A 119 -25.95 17.82 -2.66
CA LEU A 119 -25.70 16.56 -1.96
C LEU A 119 -24.22 16.27 -2.06
N ALA A 120 -23.72 15.47 -1.09
CA ALA A 120 -22.37 14.88 -1.33
C ALA A 120 -22.31 13.61 -0.49
N CYS A 121 -21.43 12.70 -0.89
CA CYS A 121 -21.27 11.50 -0.10
C CYS A 121 -20.52 11.81 1.22
N VAL A 122 -20.96 11.18 2.31
CA VAL A 122 -20.30 11.40 3.62
C VAL A 122 -20.20 10.04 4.30
N PRO A 123 -19.04 9.70 4.80
CA PRO A 123 -18.97 8.48 5.63
C PRO A 123 -19.49 8.72 7.00
N ARG A 124 -20.25 7.73 7.52
CA ARG A 124 -20.88 7.80 8.82
C ARG A 124 -20.69 6.50 9.54
N PHE A 125 -20.69 6.54 10.87
CA PHE A 125 -20.68 5.29 11.65
C PHE A 125 -21.91 4.48 11.45
N GLN A 126 -21.76 3.15 11.43
CA GLN A 126 -22.94 2.27 11.24
C GLN A 126 -23.95 2.29 12.41
N ALA A 127 -23.46 2.46 13.65
CA ALA A 127 -24.40 2.49 14.81
C ALA A 127 -23.94 3.39 15.91
N VAL A 128 -24.92 4.10 16.51
CA VAL A 128 -24.59 5.05 17.56
C VAL A 128 -25.68 5.00 18.62
N GLN A 129 -25.38 5.54 19.81
CA GLN A 129 -26.46 5.76 20.79
C GLN A 129 -26.51 7.28 21.08
N ILE A 130 -27.69 7.88 20.96
CA ILE A 130 -27.86 9.26 21.44
C ILE A 130 -28.54 9.25 22.76
N SER A 131 -28.01 10.02 23.71
CA SER A 131 -28.68 10.08 24.98
C SER A 131 -28.85 11.49 25.37
N GLY A 132 -29.98 11.84 25.99
CA GLY A 132 -30.06 13.24 26.41
C GLY A 132 -31.33 13.34 27.26
N LEU A 133 -31.97 14.47 27.18
CA LEU A 133 -33.20 14.74 27.99
C LEU A 133 -34.29 14.99 27.01
N ASP A 134 -35.55 14.63 27.30
CA ASP A 134 -36.64 15.16 26.55
C ASP A 134 -37.01 16.55 27.03
N PRO A 135 -37.92 17.25 26.39
CA PRO A 135 -38.20 18.66 26.73
C PRO A 135 -38.68 18.82 28.20
N ASN A 136 -39.10 17.73 28.79
CA ASN A 136 -39.61 17.79 30.19
C ASN A 136 -38.51 17.38 31.15
N GLY A 137 -37.28 17.25 30.66
CA GLY A 137 -36.17 16.84 31.55
C GLY A 137 -36.07 15.36 31.90
N GLU A 138 -36.79 14.45 31.24
CA GLU A 138 -36.61 13.05 31.45
C GLU A 138 -35.48 12.52 30.60
N GLN A 139 -34.68 11.63 31.22
CA GLN A 139 -33.48 11.08 30.56
C GLN A 139 -33.99 10.14 29.48
N VAL A 140 -33.53 10.29 28.22
CA VAL A 140 -33.97 9.42 27.15
C VAL A 140 -32.73 8.91 26.35
N VAL A 141 -32.85 7.71 25.77
CA VAL A 141 -31.65 7.09 25.10
C VAL A 141 -32.22 6.44 23.89
N TRP A 142 -31.49 6.42 22.73
CA TRP A 142 -31.95 5.69 21.55
C TRP A 142 -30.72 5.10 20.85
N GLN A 143 -30.66 3.77 20.70
CA GLN A 143 -29.58 3.03 19.99
C GLN A 143 -30.11 2.90 18.60
N ALA A 144 -29.32 3.35 17.59
CA ALA A 144 -29.83 3.29 16.19
C ALA A 144 -28.76 2.88 15.21
N SER A 145 -29.14 2.17 14.15
CA SER A 145 -28.11 1.81 13.14
C SER A 145 -28.59 2.28 11.78
N GLY A 146 -27.70 2.19 10.81
CA GLY A 146 -28.10 2.41 9.40
C GLY A 146 -28.48 3.86 9.17
N TRP A 147 -29.55 4.10 8.40
CA TRP A 147 -29.87 5.48 8.03
C TRP A 147 -30.22 6.31 9.25
N ALA A 148 -30.88 5.68 10.23
CA ALA A 148 -31.22 6.44 11.42
C ALA A 148 -29.97 6.95 12.13
N ALA A 149 -28.94 6.09 12.20
CA ALA A 149 -27.67 6.51 12.81
C ALA A 149 -27.02 7.68 12.02
N ARG A 150 -27.16 7.68 10.71
CA ARG A 150 -26.61 8.79 9.90
C ARG A 150 -27.25 10.11 10.23
N ILE A 151 -28.59 10.08 10.33
CA ILE A 151 -29.36 11.33 10.62
C ILE A 151 -29.00 11.84 12.04
N ILE A 152 -28.87 10.91 13.02
CA ILE A 152 -28.45 11.29 14.37
C ILE A 152 -27.08 12.02 14.27
N GLN A 153 -26.11 11.42 13.53
CA GLN A 153 -24.79 11.97 13.48
C GLN A 153 -24.84 13.34 12.77
N HIS A 154 -25.69 13.47 11.74
CA HIS A 154 -25.75 14.77 11.06
C HIS A 154 -26.30 15.88 11.97
N GLU A 155 -27.35 15.54 12.78
CA GLU A 155 -27.90 16.59 13.68
C GLU A 155 -26.99 16.88 14.83
N MET A 156 -26.33 15.82 15.37
CA MET A 156 -25.35 16.10 16.40
C MET A 156 -24.19 17.04 15.94
N ASP A 157 -23.78 16.82 14.72
CA ASP A 157 -22.73 17.65 14.11
C ASP A 157 -23.24 19.12 14.07
N HIS A 158 -24.52 19.34 13.80
CA HIS A 158 -25.02 20.72 13.77
C HIS A 158 -24.85 21.36 15.15
N LEU A 159 -25.02 20.59 16.22
CA LEU A 159 -24.85 21.21 17.58
C LEU A 159 -23.42 21.55 17.88
N GLN A 160 -22.45 20.94 17.15
CA GLN A 160 -21.06 21.25 17.35
C GLN A 160 -20.55 22.21 16.36
N GLY A 161 -21.44 22.76 15.52
CA GLY A 161 -21.01 23.80 14.50
C GLY A 161 -20.40 23.14 13.23
N CYS A 162 -20.65 21.85 13.00
CA CYS A 162 -20.08 21.08 11.89
C CYS A 162 -21.17 20.83 10.86
N LEU A 163 -20.81 21.13 9.61
CA LEU A 163 -21.77 20.82 8.51
C LEU A 163 -21.21 19.72 7.63
N PHE A 164 -22.07 19.06 6.87
CA PHE A 164 -21.61 17.89 6.12
C PHE A 164 -20.47 18.24 5.16
N ILE A 165 -20.38 19.49 4.70
CA ILE A 165 -19.36 19.90 3.76
C ILE A 165 -17.96 19.86 4.42
N ASP A 166 -17.93 19.69 5.73
CA ASP A 166 -16.64 19.61 6.42
C ASP A 166 -16.13 18.15 6.40
N LYS A 167 -17.04 17.18 6.14
CA LYS A 167 -16.71 15.74 6.24
C LYS A 167 -16.89 15.00 4.92
N MET A 168 -17.34 15.73 3.90
CA MET A 168 -17.77 15.08 2.62
C MET A 168 -16.56 14.66 1.80
N ASP A 169 -16.83 13.73 0.89
CA ASP A 169 -15.98 13.46 -0.28
C ASP A 169 -16.30 14.56 -1.30
N SER A 170 -15.39 15.54 -1.36
CA SER A 170 -15.69 16.79 -2.12
C SER A 170 -15.87 16.51 -3.59
N ARG A 171 -15.25 15.42 -4.07
CA ARG A 171 -15.47 15.10 -5.55
C ARG A 171 -16.90 14.64 -5.89
N THR A 172 -17.70 14.38 -4.87
CA THR A 172 -19.06 13.89 -5.09
C THR A 172 -20.10 15.01 -4.87
N PHE A 173 -19.61 16.18 -4.49
CA PHE A 173 -20.59 17.34 -4.28
C PHE A 173 -21.29 17.66 -5.58
N THR A 174 -22.61 17.85 -5.50
CA THR A 174 -23.37 18.07 -6.74
C THR A 174 -24.63 18.90 -6.40
N ASN A 175 -24.97 19.73 -7.39
CA ASN A 175 -26.34 20.25 -7.39
C ASN A 175 -27.34 19.08 -7.52
N VAL A 176 -28.50 19.25 -6.87
CA VAL A 176 -29.49 18.17 -6.93
C VAL A 176 -30.07 17.89 -8.30
N TYR A 177 -29.95 18.85 -9.18
CA TYR A 177 -30.43 18.66 -10.53
C TYR A 177 -29.48 17.92 -11.48
N TRP A 178 -28.34 17.48 -10.92
CA TRP A 178 -27.44 16.52 -11.64
C TRP A 178 -27.53 15.22 -10.85
N MET A 179 -27.71 14.13 -11.61
CA MET A 179 -27.76 12.84 -10.89
C MET A 179 -27.26 11.70 -11.79
N LYS A 180 -26.83 10.60 -11.15
CA LYS A 180 -26.41 9.42 -11.96
C LYS A 180 -27.63 8.54 -12.07
N VAL A 181 -27.92 8.00 -13.25
CA VAL A 181 -29.07 7.13 -13.40
C VAL A 181 -28.61 5.79 -14.02
N ASN A 182 -29.44 4.75 -13.90
CA ASN A 182 -29.24 3.45 -14.60
C ASN A 182 -29.59 3.50 -16.09
N ASP A 183 -28.66 3.05 -16.93
CA ASP A 183 -28.94 2.89 -18.36
C ASP A 183 -30.01 1.75 -18.48
N HIS B 1 -23.87 36.40 -33.79
CA HIS B 1 -25.28 36.85 -33.89
C HIS B 1 -25.94 36.65 -32.53
N MET B 2 -26.94 35.76 -32.44
CA MET B 2 -27.59 35.45 -31.14
C MET B 2 -27.55 33.92 -30.89
N SER B 3 -26.81 33.51 -29.87
CA SER B 3 -26.76 32.11 -29.49
C SER B 3 -26.60 32.16 -27.95
N PHE B 4 -26.83 31.07 -27.24
CA PHE B 4 -26.72 31.11 -25.80
C PHE B 4 -25.52 30.31 -25.39
N SER B 5 -24.92 30.68 -24.26
CA SER B 5 -23.82 29.86 -23.67
C SER B 5 -24.10 29.72 -22.20
N HIS B 6 -23.54 28.65 -21.59
CA HIS B 6 -23.78 28.56 -20.15
C HIS B 6 -22.57 28.05 -19.48
N VAL B 7 -22.32 28.50 -18.27
CA VAL B 7 -21.19 27.94 -17.48
C VAL B 7 -21.73 26.70 -16.70
N CYS B 8 -21.15 25.51 -16.99
CA CYS B 8 -21.59 24.28 -16.34
C CYS B 8 -21.43 24.34 -14.81
N GLN B 9 -22.40 23.75 -14.07
CA GLN B 9 -22.37 23.89 -12.65
C GLN B 9 -21.99 22.53 -12.03
N VAL B 10 -21.55 22.63 -10.76
CA VAL B 10 -21.01 21.39 -10.11
C VAL B 10 -22.06 20.27 -10.03
N GLY B 11 -21.59 19.08 -10.44
CA GLY B 11 -22.47 17.95 -10.73
C GLY B 11 -22.28 17.51 -12.16
N ASP B 12 -22.05 18.46 -13.08
CA ASP B 12 -21.78 18.06 -14.43
C ASP B 12 -20.43 17.33 -14.47
N PRO B 13 -20.38 16.07 -14.93
CA PRO B 13 -19.12 15.32 -14.85
C PRO B 13 -17.99 15.92 -15.69
N VAL B 14 -18.31 16.79 -16.63
CA VAL B 14 -17.28 17.47 -17.44
C VAL B 14 -16.30 18.22 -16.49
N LEU B 15 -16.81 18.68 -15.34
CA LEU B 15 -15.96 19.51 -14.46
C LEU B 15 -14.96 18.66 -13.64
N ARG B 16 -15.21 17.35 -13.61
CA ARG B 16 -14.35 16.49 -12.82
C ARG B 16 -13.47 15.59 -13.73
N GLY B 17 -13.61 15.71 -15.03
CA GLY B 17 -12.72 14.98 -15.96
C GLY B 17 -11.38 15.68 -16.09
N VAL B 18 -10.40 15.00 -16.73
CA VAL B 18 -9.12 15.65 -17.01
C VAL B 18 -9.15 16.02 -18.47
N ALA B 19 -9.08 17.32 -18.77
CA ALA B 19 -9.23 17.77 -20.13
C ALA B 19 -8.14 17.23 -21.05
N ALA B 20 -8.55 16.88 -22.27
CA ALA B 20 -7.58 16.33 -23.27
C ALA B 20 -6.78 17.45 -23.92
N PRO B 21 -5.57 17.14 -24.34
CA PRO B 21 -4.78 18.21 -25.01
C PRO B 21 -5.38 18.51 -26.39
N VAL B 22 -5.13 19.72 -26.83
CA VAL B 22 -5.42 20.17 -28.24
C VAL B 22 -4.30 19.58 -29.11
N GLU B 23 -4.72 18.81 -30.10
CA GLU B 23 -3.68 18.19 -31.03
C GLU B 23 -2.99 19.23 -31.93
N ARG B 24 -1.72 18.98 -32.25
CA ARG B 24 -0.91 19.83 -33.15
C ARG B 24 -1.65 20.42 -34.34
N ALA B 25 -2.38 19.53 -35.02
CA ALA B 25 -3.08 19.79 -36.30
C ALA B 25 -4.14 20.85 -36.10
N GLN B 26 -4.59 20.99 -34.85
CA GLN B 26 -5.69 21.88 -34.55
C GLN B 26 -5.25 23.29 -34.25
N LEU B 27 -3.98 23.48 -33.88
CA LEU B 27 -3.48 24.82 -33.58
C LEU B 27 -3.63 25.80 -34.74
N GLY B 28 -4.03 27.02 -34.45
CA GLY B 28 -4.32 27.98 -35.51
C GLY B 28 -5.57 27.67 -36.33
N GLY B 29 -6.26 26.56 -36.07
CA GLY B 29 -7.47 26.15 -36.83
C GLY B 29 -8.82 26.81 -36.47
N PRO B 30 -9.85 26.74 -37.36
CA PRO B 30 -11.15 27.42 -37.11
C PRO B 30 -11.96 26.92 -35.91
N GLU B 31 -11.96 25.59 -35.67
CA GLU B 31 -12.67 25.06 -34.52
C GLU B 31 -12.03 25.59 -33.20
N LEU B 32 -10.71 25.55 -33.11
CA LEU B 32 -10.05 26.15 -31.90
C LEU B 32 -10.38 27.62 -31.79
N GLN B 33 -10.38 28.32 -32.93
CA GLN B 33 -10.74 29.72 -32.88
C GLN B 33 -12.16 29.99 -32.37
N ARG B 34 -13.12 29.16 -32.74
CA ARG B 34 -14.45 29.33 -32.27
C ARG B 34 -14.48 29.15 -30.76
N LEU B 35 -13.68 28.18 -30.29
CA LEU B 35 -13.71 27.87 -28.84
C LEU B 35 -13.12 29.06 -28.08
N THR B 36 -11.93 29.53 -28.52
CA THR B 36 -11.29 30.56 -27.80
C THR B 36 -12.10 31.86 -27.82
N GLN B 37 -12.79 32.12 -28.96
CA GLN B 37 -13.60 33.34 -29.00
C GLN B 37 -14.74 33.25 -28.00
N ARG B 38 -15.38 32.08 -27.92
CA ARG B 38 -16.48 31.87 -27.03
C ARG B 38 -16.06 32.02 -25.58
N LEU B 39 -14.93 31.40 -25.22
CA LEU B 39 -14.44 31.46 -23.91
C LEU B 39 -14.15 32.87 -23.49
N VAL B 40 -13.48 33.67 -24.34
CA VAL B 40 -13.22 35.02 -23.95
C VAL B 40 -14.49 35.87 -23.84
N GLN B 41 -15.47 35.60 -24.72
CA GLN B 41 -16.73 36.37 -24.64
C GLN B 41 -17.49 36.09 -23.32
N VAL B 42 -17.54 34.83 -22.90
CA VAL B 42 -18.19 34.50 -21.68
C VAL B 42 -17.50 35.07 -20.52
N MET B 43 -16.17 34.91 -20.54
CA MET B 43 -15.41 35.46 -19.45
C MET B 43 -15.60 36.96 -19.32
N ARG B 44 -15.61 37.68 -20.45
CA ARG B 44 -15.83 39.11 -20.35
C ARG B 44 -17.25 39.53 -19.95
N ARG B 45 -18.28 38.78 -20.40
CA ARG B 45 -19.61 39.06 -19.95
C ARG B 45 -19.80 38.87 -18.48
N ARG B 46 -19.21 37.80 -17.91
CA ARG B 46 -19.40 37.52 -16.50
C ARG B 46 -18.45 38.34 -15.57
N ARG B 47 -17.51 39.03 -16.21
CA ARG B 47 -16.41 39.68 -15.50
C ARG B 47 -15.64 38.78 -14.56
N CYS B 48 -15.45 37.53 -14.97
CA CYS B 48 -14.68 36.62 -14.11
C CYS B 48 -13.20 36.82 -14.69
N VAL B 49 -12.21 36.78 -13.86
CA VAL B 49 -10.88 37.07 -14.31
C VAL B 49 -10.30 35.91 -15.12
N GLY B 50 -10.85 34.74 -14.94
CA GLY B 50 -10.35 33.53 -15.69
C GLY B 50 -11.49 32.59 -16.02
N LEU B 51 -11.28 31.72 -17.00
CA LEU B 51 -12.33 30.76 -17.36
C LEU B 51 -11.68 29.63 -18.17
N SER B 52 -12.20 28.38 -17.98
CA SER B 52 -11.61 27.25 -18.71
C SER B 52 -12.59 26.57 -19.64
N ALA B 53 -12.08 25.92 -20.67
CA ALA B 53 -12.99 25.29 -21.65
C ALA B 53 -13.95 24.20 -21.02
N PRO B 54 -13.51 23.40 -20.02
CA PRO B 54 -14.45 22.45 -19.43
C PRO B 54 -15.71 23.13 -18.85
N GLN B 55 -15.52 24.36 -18.40
CA GLN B 55 -16.65 25.08 -17.82
C GLN B 55 -17.67 25.49 -18.88
N LEU B 56 -17.28 25.50 -20.15
CA LEU B 56 -18.26 25.63 -21.25
C LEU B 56 -18.63 24.28 -21.85
N GLY B 57 -18.38 23.17 -21.16
CA GLY B 57 -18.76 21.86 -21.71
C GLY B 57 -17.76 21.19 -22.60
N VAL B 58 -16.56 21.78 -22.70
CA VAL B 58 -15.58 21.30 -23.78
C VAL B 58 -14.33 20.78 -23.05
N PRO B 59 -14.14 19.48 -23.06
CA PRO B 59 -13.08 18.87 -22.21
C PRO B 59 -11.70 18.89 -22.90
N ARG B 60 -11.21 20.10 -23.12
CA ARG B 60 -9.99 20.34 -23.86
C ARG B 60 -9.14 21.33 -23.02
N GLN B 61 -7.82 21.28 -23.21
CA GLN B 61 -6.88 22.03 -22.38
C GLN B 61 -6.72 23.43 -22.90
N VAL B 62 -7.71 24.30 -22.61
CA VAL B 62 -7.69 25.68 -23.07
C VAL B 62 -8.27 26.50 -21.91
N LEU B 63 -7.53 27.54 -21.55
CA LEU B 63 -8.01 28.49 -20.50
C LEU B 63 -7.74 29.92 -20.94
N ALA B 64 -8.46 30.87 -20.34
CA ALA B 64 -8.23 32.31 -20.69
C ALA B 64 -8.24 33.10 -19.37
N LEU B 65 -7.46 34.21 -19.34
CA LEU B 65 -7.27 35.02 -18.11
C LEU B 65 -7.27 36.47 -18.59
N GLU B 66 -7.92 37.37 -17.85
CA GLU B 66 -7.78 38.80 -18.21
C GLU B 66 -8.25 39.62 -17.02
N LEU B 67 -7.48 40.65 -16.66
CA LEU B 67 -7.91 41.51 -15.54
C LEU B 67 -7.71 42.96 -16.00
N PRO B 68 -8.77 43.54 -16.58
CA PRO B 68 -8.63 44.96 -17.02
C PRO B 68 -8.53 45.88 -15.82
N GLU B 69 -7.96 47.08 -16.07
CA GLU B 69 -7.79 48.03 -14.97
C GLU B 69 -9.09 48.43 -14.24
N ALA B 70 -10.19 48.68 -14.97
CA ALA B 70 -11.48 49.06 -14.32
C ALA B 70 -11.98 48.01 -13.39
N LEU B 71 -11.92 46.76 -13.84
CA LEU B 71 -12.36 45.65 -13.00
C LEU B 71 -11.49 45.60 -11.77
N CYS B 72 -10.18 45.72 -11.95
CA CYS B 72 -9.29 45.79 -10.82
C CYS B 72 -9.58 46.90 -9.82
N ARG B 73 -9.88 48.10 -10.35
CA ARG B 73 -10.20 49.26 -9.50
C ARG B 73 -11.56 49.18 -8.78
N GLU B 74 -12.40 48.22 -9.15
CA GLU B 74 -13.59 48.00 -8.36
C GLU B 74 -13.25 47.47 -6.97
N CYS B 75 -12.07 46.82 -6.81
CA CYS B 75 -11.67 46.32 -5.49
C CYS B 75 -11.08 47.49 -4.75
N PRO B 76 -11.52 47.77 -3.51
CA PRO B 76 -10.92 48.89 -2.73
C PRO B 76 -9.42 48.78 -2.51
N PRO B 77 -8.69 49.92 -2.55
CA PRO B 77 -7.22 49.87 -2.69
C PRO B 77 -6.48 49.07 -1.60
N ARG B 78 -6.97 49.11 -0.36
CA ARG B 78 -6.37 48.38 0.76
C ARG B 78 -6.46 46.83 0.56
N GLN B 79 -7.64 46.36 0.14
CA GLN B 79 -7.81 44.92 -0.21
C GLN B 79 -7.03 44.59 -1.49
N ARG B 80 -6.95 45.52 -2.43
CA ARG B 80 -6.21 45.29 -3.64
C ARG B 80 -4.72 45.09 -3.32
N ALA B 81 -4.18 45.93 -2.43
CA ALA B 81 -2.80 45.80 -2.02
C ALA B 81 -2.59 44.47 -1.25
N LEU B 82 -3.50 44.17 -0.30
CA LEU B 82 -3.33 42.96 0.51
C LEU B 82 -3.29 41.71 -0.40
N ARG B 83 -4.16 41.71 -1.41
CA ARG B 83 -4.27 40.58 -2.35
C ARG B 83 -3.27 40.61 -3.50
N GLN B 84 -2.44 41.66 -3.59
CA GLN B 84 -1.49 41.89 -4.66
C GLN B 84 -2.22 41.72 -5.99
N MET B 85 -3.27 42.50 -6.12
CA MET B 85 -4.15 42.42 -7.28
C MET B 85 -3.77 43.56 -8.22
N GLU B 86 -3.29 43.16 -9.41
CA GLU B 86 -2.84 44.12 -10.46
C GLU B 86 -3.43 43.71 -11.77
N PRO B 87 -3.64 44.70 -12.63
CA PRO B 87 -4.25 44.37 -13.93
C PRO B 87 -3.30 43.55 -14.79
N PHE B 88 -3.85 42.82 -15.76
CA PHE B 88 -3.04 42.08 -16.74
C PHE B 88 -3.85 41.84 -17.99
N PRO B 89 -3.19 41.84 -19.15
CA PRO B 89 -3.86 41.70 -20.44
C PRO B 89 -4.34 40.29 -20.70
N LEU B 90 -5.23 40.20 -21.65
CA LEU B 90 -5.77 38.88 -22.03
C LEU B 90 -4.69 37.86 -22.40
N ARG B 91 -4.75 36.67 -21.83
CA ARG B 91 -3.92 35.50 -22.32
C ARG B 91 -4.88 34.39 -22.51
N VAL B 92 -4.71 33.69 -23.66
CA VAL B 92 -5.42 32.38 -23.88
C VAL B 92 -4.27 31.36 -23.95
N PHE B 93 -4.35 30.30 -23.11
CA PHE B 93 -3.31 29.27 -23.16
C PHE B 93 -3.90 27.96 -23.60
N VAL B 94 -3.13 27.27 -24.43
CA VAL B 94 -3.55 25.97 -24.99
C VAL B 94 -2.47 25.00 -24.46
N ASN B 95 -2.91 23.84 -23.96
CA ASN B 95 -2.00 22.83 -23.38
C ASN B 95 -0.99 23.36 -22.39
N PRO B 96 -1.43 24.19 -21.46
CA PRO B 96 -0.47 24.75 -20.49
C PRO B 96 0.04 23.81 -19.45
N SER B 97 1.22 24.12 -18.91
CA SER B 97 1.75 23.40 -17.76
C SER B 97 2.10 24.46 -16.70
N LEU B 98 2.13 24.03 -15.46
CA LEU B 98 2.37 24.96 -14.34
C LEU B 98 3.58 24.52 -13.53
N ARG B 99 4.43 25.47 -13.17
CA ARG B 99 5.57 25.23 -12.31
C ARG B 99 5.44 26.22 -11.13
N VAL B 100 5.62 25.72 -9.90
CA VAL B 100 5.55 26.62 -8.70
C VAL B 100 6.91 27.26 -8.51
N LEU B 101 6.92 28.60 -8.42
CA LEU B 101 8.20 29.33 -8.18
C LEU B 101 8.35 29.79 -6.76
N ASP B 102 7.25 30.02 -6.04
CA ASP B 102 7.35 30.40 -4.63
C ASP B 102 6.20 29.63 -3.94
N SER B 103 6.54 28.66 -3.07
CA SER B 103 5.53 27.72 -2.56
C SER B 103 4.90 28.27 -1.28
N ARG B 104 5.29 29.49 -0.89
CA ARG B 104 4.63 30.13 0.27
C ARG B 104 3.12 30.15 0.03
N LEU B 105 2.31 29.73 1.00
CA LEU B 105 0.84 29.74 0.79
C LEU B 105 0.17 31.04 1.27
N VAL B 106 -0.79 31.54 0.49
CA VAL B 106 -1.48 32.75 0.77
C VAL B 106 -2.97 32.34 0.77
N THR B 107 -3.75 32.77 1.77
CA THR B 107 -5.16 32.27 1.81
C THR B 107 -6.09 33.49 1.73
N PHE B 108 -7.07 33.48 0.80
CA PHE B 108 -8.11 34.49 0.71
C PHE B 108 -9.35 33.77 0.24
N PRO B 109 -10.53 34.41 0.42
CA PRO B 109 -11.76 33.84 -0.17
C PRO B 109 -11.69 33.84 -1.69
N GLU B 110 -12.18 32.72 -2.29
CA GLU B 110 -12.22 32.59 -3.74
C GLU B 110 -13.58 32.00 -4.09
N GLY B 111 -14.06 32.31 -5.30
CA GLY B 111 -15.32 31.69 -5.77
C GLY B 111 -15.09 30.97 -7.09
N CYS B 112 -16.18 30.51 -7.72
CA CYS B 112 -16.02 29.81 -9.00
C CYS B 112 -17.33 29.93 -9.73
N GLU B 113 -17.24 30.32 -10.99
CA GLU B 113 -18.48 30.48 -11.78
C GLU B 113 -19.27 29.15 -11.91
N SER B 114 -18.56 28.01 -11.75
CA SER B 114 -19.26 26.69 -11.79
C SER B 114 -19.74 26.24 -10.41
N VAL B 115 -19.58 27.09 -9.38
CA VAL B 115 -20.28 26.82 -8.09
C VAL B 115 -20.91 28.20 -7.69
N ALA B 116 -21.80 28.65 -8.56
CA ALA B 116 -22.27 30.03 -8.51
C ALA B 116 -22.86 30.42 -7.12
N GLY B 117 -22.40 31.56 -6.58
CA GLY B 117 -23.01 32.10 -5.39
C GLY B 117 -22.33 31.77 -4.09
N PHE B 118 -21.15 31.12 -4.16
CA PHE B 118 -20.41 30.73 -2.91
C PHE B 118 -18.96 31.20 -2.92
N LEU B 119 -18.45 31.48 -1.75
CA LEU B 119 -17.03 31.74 -1.58
C LEU B 119 -16.46 30.87 -0.51
N ALA B 120 -15.14 30.58 -0.55
CA ALA B 120 -14.49 29.96 0.62
C ALA B 120 -13.02 30.35 0.59
N CYS B 121 -12.38 30.37 1.75
CA CYS B 121 -10.94 30.63 1.76
C CYS B 121 -10.15 29.44 1.14
N VAL B 122 -9.15 29.72 0.28
CA VAL B 122 -8.39 28.64 -0.33
C VAL B 122 -6.92 29.04 -0.28
N PRO B 123 -6.08 28.18 0.25
CA PRO B 123 -4.64 28.53 0.19
C PRO B 123 -4.10 28.33 -1.23
N ARG B 124 -3.27 29.25 -1.71
CA ARG B 124 -2.67 29.10 -3.08
C ARG B 124 -1.22 29.48 -2.96
N PHE B 125 -0.44 28.96 -3.90
CA PHE B 125 0.98 29.38 -3.89
C PHE B 125 1.11 30.88 -4.26
N GLN B 126 2.12 31.53 -3.68
CA GLN B 126 2.35 32.92 -3.97
C GLN B 126 2.88 33.23 -5.38
N ALA B 127 3.64 32.33 -6.03
CA ALA B 127 4.11 32.62 -7.40
C ALA B 127 4.24 31.37 -8.19
N VAL B 128 3.83 31.48 -9.44
CA VAL B 128 3.87 30.33 -10.37
C VAL B 128 4.29 30.76 -11.78
N GLN B 129 4.65 29.80 -12.62
CA GLN B 129 4.90 30.07 -14.00
C GLN B 129 3.91 29.21 -14.79
N ILE B 130 3.15 29.83 -15.68
CA ILE B 130 2.37 29.05 -16.65
C ILE B 130 3.03 29.13 -18.02
N SER B 131 3.27 27.94 -18.62
CA SER B 131 3.87 27.86 -19.96
C SER B 131 2.88 27.16 -20.89
N GLY B 132 2.62 27.70 -22.06
CA GLY B 132 1.78 26.98 -22.97
C GLY B 132 1.82 27.62 -24.32
N LEU B 133 0.88 27.24 -25.17
CA LEU B 133 0.83 27.83 -26.50
C LEU B 133 -0.26 28.88 -26.55
N ASP B 134 -0.07 29.93 -27.35
CA ASP B 134 -1.15 30.77 -27.69
C ASP B 134 -1.90 30.02 -28.78
N PRO B 135 -3.08 30.49 -29.13
CA PRO B 135 -3.97 29.68 -30.03
C PRO B 135 -3.27 29.45 -31.36
N ASN B 136 -2.23 30.24 -31.61
CA ASN B 136 -1.45 30.06 -32.87
C ASN B 136 -0.29 29.12 -32.81
N GLY B 137 -0.09 28.52 -31.67
CA GLY B 137 1.02 27.65 -31.53
C GLY B 137 2.26 28.34 -31.04
N GLU B 138 2.24 29.66 -30.79
CA GLU B 138 3.48 30.25 -30.28
C GLU B 138 3.67 29.93 -28.77
N GLN B 139 4.93 29.69 -28.34
CA GLN B 139 5.22 29.37 -26.90
C GLN B 139 5.17 30.63 -26.06
N VAL B 140 4.35 30.65 -24.98
CA VAL B 140 4.29 31.83 -24.13
C VAL B 140 4.49 31.32 -22.69
N VAL B 141 5.36 32.02 -21.92
CA VAL B 141 5.56 31.68 -20.50
C VAL B 141 5.25 32.95 -19.71
N TRP B 142 4.40 32.84 -18.70
CA TRP B 142 4.03 33.99 -17.88
C TRP B 142 4.35 33.64 -16.43
N GLN B 143 5.28 34.42 -15.81
CA GLN B 143 5.53 34.35 -14.43
C GLN B 143 4.69 35.34 -13.63
N ALA B 144 3.87 34.80 -12.69
CA ALA B 144 2.86 35.62 -12.00
C ALA B 144 2.91 35.37 -10.51
N SER B 145 2.63 36.43 -9.75
CA SER B 145 2.56 36.30 -8.29
C SER B 145 1.21 36.84 -7.79
N GLY B 146 0.90 36.59 -6.52
CA GLY B 146 -0.27 37.24 -5.90
C GLY B 146 -1.57 36.83 -6.55
N TRP B 147 -2.49 37.79 -6.73
CA TRP B 147 -3.82 37.35 -7.21
C TRP B 147 -3.77 36.72 -8.59
N ALA B 148 -2.92 37.24 -9.51
CA ALA B 148 -2.84 36.55 -10.82
C ALA B 148 -2.42 35.08 -10.69
N ALA B 149 -1.47 34.80 -9.78
CA ALA B 149 -1.02 33.44 -9.58
C ALA B 149 -2.19 32.58 -9.05
N ARG B 150 -3.06 33.20 -8.24
CA ARG B 150 -4.23 32.49 -7.74
C ARG B 150 -5.16 32.11 -8.86
N ILE B 151 -5.48 33.06 -9.71
CA ILE B 151 -6.40 32.76 -10.82
C ILE B 151 -5.82 31.70 -11.76
N ILE B 152 -4.50 31.83 -12.07
CA ILE B 152 -3.86 30.78 -12.91
C ILE B 152 -4.02 29.38 -12.23
N GLN B 153 -3.79 29.31 -10.92
CA GLN B 153 -3.89 28.03 -10.25
C GLN B 153 -5.37 27.48 -10.32
N HIS B 154 -6.32 28.39 -10.10
CA HIS B 154 -7.73 27.97 -10.16
C HIS B 154 -8.09 27.45 -11.54
N GLU B 155 -7.67 28.11 -12.65
CA GLU B 155 -8.01 27.63 -13.96
C GLU B 155 -7.26 26.35 -14.29
N MET B 156 -5.97 26.24 -13.91
CA MET B 156 -5.23 25.00 -14.16
C MET B 156 -5.91 23.82 -13.40
N ASP B 157 -6.45 24.10 -12.21
CA ASP B 157 -7.13 23.03 -11.47
C ASP B 157 -8.37 22.58 -12.27
N HIS B 158 -9.08 23.54 -12.90
CA HIS B 158 -10.26 23.15 -13.75
C HIS B 158 -9.87 22.14 -14.82
N LEU B 159 -8.66 22.34 -15.40
CA LEU B 159 -8.24 21.39 -16.47
C LEU B 159 -7.89 20.05 -15.94
N GLN B 160 -7.68 19.97 -14.60
CA GLN B 160 -7.34 18.63 -14.03
C GLN B 160 -8.60 18.07 -13.34
N GLY B 161 -9.74 18.74 -13.45
CA GLY B 161 -11.02 18.17 -12.85
C GLY B 161 -11.13 18.52 -11.36
N CYS B 162 -10.37 19.52 -10.89
CA CYS B 162 -10.31 19.90 -9.45
C CYS B 162 -11.05 21.24 -9.31
N LEU B 163 -11.93 21.30 -8.32
CA LEU B 163 -12.67 22.54 -8.02
C LEU B 163 -12.19 23.07 -6.66
N PHE B 164 -12.49 24.33 -6.40
CA PHE B 164 -11.91 24.96 -5.19
C PHE B 164 -12.50 24.34 -3.91
N ILE B 165 -13.71 23.75 -3.97
CA ILE B 165 -14.23 23.06 -2.81
C ILE B 165 -13.40 21.84 -2.40
N ASP B 166 -12.50 21.36 -3.27
CA ASP B 166 -11.63 20.28 -2.92
C ASP B 166 -10.45 20.73 -2.07
N LYS B 167 -10.17 22.04 -2.06
CA LYS B 167 -8.97 22.55 -1.45
C LYS B 167 -9.28 23.61 -0.38
N MET B 168 -10.56 23.94 -0.21
CA MET B 168 -10.97 25.07 0.71
C MET B 168 -10.84 24.71 2.17
N ASP B 169 -10.79 25.77 2.99
CA ASP B 169 -11.10 25.69 4.43
C ASP B 169 -12.60 25.64 4.53
N SER B 170 -13.15 24.44 4.79
CA SER B 170 -14.62 24.28 4.60
C SER B 170 -15.40 25.10 5.66
N ARG B 171 -14.77 25.45 6.76
CA ARG B 171 -15.53 26.22 7.79
C ARG B 171 -15.70 27.67 7.31
N THR B 172 -15.05 28.05 6.20
CA THR B 172 -15.24 29.43 5.66
C THR B 172 -16.13 29.50 4.41
N PHE B 173 -16.72 28.35 4.03
CA PHE B 173 -17.65 28.32 2.89
C PHE B 173 -18.92 29.14 3.25
N THR B 174 -19.32 30.00 2.29
CA THR B 174 -20.45 30.91 2.59
C THR B 174 -21.21 31.22 1.34
N ASN B 175 -22.55 31.34 1.47
CA ASN B 175 -23.29 32.06 0.44
C ASN B 175 -22.75 33.53 0.35
N VAL B 176 -22.79 34.11 -0.86
CA VAL B 176 -22.23 35.46 -1.06
C VAL B 176 -23.11 36.50 -0.34
N TYR B 177 -24.35 36.16 0.05
CA TYR B 177 -25.15 37.14 0.75
C TYR B 177 -24.89 37.20 2.27
N TRP B 178 -23.89 36.39 2.75
CA TRP B 178 -23.42 36.55 4.09
C TRP B 178 -21.98 37.09 4.01
N MET B 179 -21.67 38.06 4.84
CA MET B 179 -20.31 38.63 4.74
C MET B 179 -19.89 39.14 6.13
N LYS B 180 -18.59 39.14 6.36
CA LYS B 180 -18.05 39.80 7.55
C LYS B 180 -17.81 41.25 7.27
N VAL B 181 -18.14 42.12 8.19
CA VAL B 181 -17.90 43.56 7.99
C VAL B 181 -17.27 44.19 9.23
N ASN B 182 -16.72 45.39 9.02
CA ASN B 182 -16.03 46.17 10.06
C ASN B 182 -17.00 47.06 10.77
N ASP B 183 -16.94 47.06 12.10
CA ASP B 183 -17.72 48.02 12.85
C ASP B 183 -16.94 49.36 12.96
N HIS C 1 30.33 2.78 -24.35
CA HIS C 1 30.76 1.39 -24.01
C HIS C 1 30.56 1.06 -22.51
N MET C 2 29.31 0.78 -22.13
CA MET C 2 28.99 0.14 -20.82
C MET C 2 29.37 -1.33 -20.85
N SER C 3 29.49 -1.99 -19.70
CA SER C 3 29.97 -3.37 -19.73
C SER C 3 29.10 -4.20 -18.77
N PHE C 4 29.16 -5.53 -18.81
CA PHE C 4 28.25 -6.31 -17.94
C PHE C 4 29.06 -6.80 -16.73
N SER C 5 28.44 -6.82 -15.55
CA SER C 5 29.02 -7.55 -14.41
C SER C 5 28.01 -8.52 -13.89
N HIS C 6 28.49 -9.59 -13.27
CA HIS C 6 27.53 -10.49 -12.62
C HIS C 6 27.98 -10.92 -11.27
N VAL C 7 27.02 -11.14 -10.41
CA VAL C 7 27.37 -11.69 -9.09
C VAL C 7 27.25 -13.22 -9.16
N CYS C 8 28.41 -13.86 -8.93
CA CYS C 8 28.50 -15.34 -9.03
C CYS C 8 27.55 -16.04 -7.98
N GLN C 9 26.90 -17.15 -8.42
CA GLN C 9 25.91 -17.83 -7.53
C GLN C 9 26.44 -19.14 -7.00
N VAL C 10 25.83 -19.56 -5.91
CA VAL C 10 26.35 -20.72 -5.17
C VAL C 10 26.43 -21.94 -6.08
N GLY C 11 27.57 -22.61 -6.03
CA GLY C 11 27.91 -23.69 -6.98
C GLY C 11 29.22 -23.27 -7.65
N ASP C 12 29.37 -22.00 -7.94
CA ASP C 12 30.64 -21.50 -8.53
C ASP C 12 31.77 -21.71 -7.49
N PRO C 13 32.82 -22.47 -7.83
CA PRO C 13 33.86 -22.78 -6.83
C PRO C 13 34.60 -21.55 -6.33
N VAL C 14 34.55 -20.46 -7.08
CA VAL C 14 35.23 -19.19 -6.62
C VAL C 14 34.66 -18.73 -5.28
N LEU C 15 33.42 -19.11 -4.95
CA LEU C 15 32.81 -18.65 -3.68
C LEU C 15 33.24 -19.51 -2.51
N ARG C 16 33.92 -20.64 -2.80
CA ARG C 16 34.26 -21.58 -1.71
C ARG C 16 35.78 -21.68 -1.52
N GLY C 17 36.50 -20.96 -2.35
CA GLY C 17 37.99 -20.93 -2.17
C GLY C 17 38.45 -19.88 -1.19
N VAL C 18 39.76 -19.88 -0.89
CA VAL C 18 40.28 -18.86 0.01
C VAL C 18 40.91 -17.80 -0.89
N ALA C 19 40.38 -16.54 -0.85
CA ALA C 19 40.93 -15.53 -1.76
C ALA C 19 42.40 -15.24 -1.48
N ALA C 20 43.14 -15.05 -2.56
CA ALA C 20 44.57 -14.69 -2.43
C ALA C 20 44.78 -13.26 -2.04
N PRO C 21 45.89 -13.00 -1.34
CA PRO C 21 46.15 -11.64 -1.02
C PRO C 21 46.48 -10.80 -2.24
N VAL C 22 46.25 -9.50 -2.10
CA VAL C 22 46.68 -8.57 -3.15
C VAL C 22 48.17 -8.29 -2.88
N GLU C 23 48.97 -8.36 -3.92
CA GLU C 23 50.43 -8.08 -3.74
C GLU C 23 50.76 -6.61 -3.59
N ARG C 24 51.78 -6.30 -2.77
CA ARG C 24 52.22 -4.91 -2.55
C ARG C 24 52.33 -4.13 -3.84
N ALA C 25 52.86 -4.76 -4.87
CA ALA C 25 53.15 -4.03 -6.11
C ALA C 25 51.88 -3.61 -6.84
N GLN C 26 50.74 -4.26 -6.51
CA GLN C 26 49.47 -3.91 -7.13
C GLN C 26 48.73 -2.75 -6.43
N LEU C 27 49.14 -2.43 -5.22
CA LEU C 27 48.44 -1.41 -4.41
C LEU C 27 48.54 -0.07 -5.11
N GLY C 28 47.41 0.63 -5.25
CA GLY C 28 47.36 1.94 -5.95
C GLY C 28 47.39 1.90 -7.46
N GLY C 29 47.50 0.68 -8.03
CA GLY C 29 47.60 0.47 -9.46
C GLY C 29 46.23 0.44 -10.15
N PRO C 30 46.24 0.57 -11.49
CA PRO C 30 45.00 0.63 -12.28
C PRO C 30 44.06 -0.61 -12.21
N GLU C 31 44.64 -1.80 -12.19
CA GLU C 31 43.87 -3.04 -12.13
C GLU C 31 43.09 -3.12 -10.81
N LEU C 32 43.75 -2.78 -9.68
CA LEU C 32 43.07 -2.77 -8.40
C LEU C 32 42.06 -1.64 -8.36
N GLN C 33 42.39 -0.48 -8.93
CA GLN C 33 41.37 0.56 -9.06
C GLN C 33 40.12 0.14 -9.86
N ARG C 34 40.33 -0.59 -10.96
CA ARG C 34 39.17 -1.02 -11.75
C ARG C 34 38.29 -1.97 -10.89
N LEU C 35 38.94 -2.87 -10.18
CA LEU C 35 38.23 -3.86 -9.38
C LEU C 35 37.43 -3.12 -8.28
N THR C 36 38.08 -2.24 -7.51
CA THR C 36 37.33 -1.49 -6.45
C THR C 36 36.17 -0.67 -7.00
N GLN C 37 36.35 -0.01 -8.15
CA GLN C 37 35.29 0.73 -8.77
C GLN C 37 34.13 -0.22 -9.15
N ARG C 38 34.44 -1.40 -9.66
CA ARG C 38 33.40 -2.31 -10.10
C ARG C 38 32.61 -2.84 -8.88
N LEU C 39 33.33 -3.17 -7.80
CA LEU C 39 32.64 -3.64 -6.60
C LEU C 39 31.69 -2.59 -6.08
N VAL C 40 32.14 -1.32 -6.04
CA VAL C 40 31.28 -0.26 -5.55
C VAL C 40 30.10 -0.03 -6.43
N GLN C 41 30.32 -0.07 -7.75
CA GLN C 41 29.21 0.13 -8.62
C GLN C 41 28.16 -0.96 -8.44
N VAL C 42 28.58 -2.22 -8.30
CA VAL C 42 27.62 -3.30 -8.15
C VAL C 42 26.86 -3.21 -6.84
N MET C 43 27.61 -2.88 -5.81
CA MET C 43 27.08 -2.81 -4.49
C MET C 43 26.04 -1.70 -4.50
N ARG C 44 26.29 -0.57 -5.18
CA ARG C 44 25.33 0.49 -5.20
C ARG C 44 24.09 0.21 -6.03
N ARG C 45 24.30 -0.46 -7.18
CA ARG C 45 23.18 -0.86 -8.02
C ARG C 45 22.21 -1.81 -7.35
N ARG C 46 22.77 -2.78 -6.65
CA ARG C 46 21.96 -3.80 -5.96
C ARG C 46 21.50 -3.37 -4.56
N ARG C 47 21.95 -2.18 -4.09
CA ARG C 47 21.65 -1.64 -2.77
C ARG C 47 22.07 -2.62 -1.67
N CYS C 48 23.14 -3.38 -1.91
CA CYS C 48 23.65 -4.33 -0.86
C CYS C 48 24.66 -3.47 0.00
N VAL C 49 24.75 -3.71 1.26
CA VAL C 49 25.57 -2.94 2.16
C VAL C 49 27.02 -3.38 2.07
N GLY C 50 27.28 -4.58 1.59
CA GLY C 50 28.70 -4.97 1.42
C GLY C 50 28.83 -5.88 0.18
N LEU C 51 30.05 -6.08 -0.32
CA LEU C 51 30.24 -7.04 -1.44
C LEU C 51 31.74 -7.35 -1.40
N SER C 52 32.10 -8.54 -1.90
CA SER C 52 33.50 -8.97 -1.92
C SER C 52 33.92 -9.36 -3.35
N ALA C 53 35.23 -9.29 -3.56
CA ALA C 53 35.71 -9.57 -4.94
C ALA C 53 35.43 -10.99 -5.43
N PRO C 54 35.50 -12.05 -4.58
CA PRO C 54 35.14 -13.40 -5.08
C PRO C 54 33.73 -13.45 -5.71
N GLN C 55 32.81 -12.57 -5.24
CA GLN C 55 31.46 -12.61 -5.79
C GLN C 55 31.39 -12.01 -7.18
N LEU C 56 32.42 -11.25 -7.57
CA LEU C 56 32.54 -10.78 -8.98
C LEU C 56 33.48 -11.70 -9.78
N GLY C 57 33.76 -12.86 -9.24
CA GLY C 57 34.61 -13.83 -9.92
C GLY C 57 36.10 -13.64 -9.74
N VAL C 58 36.53 -12.74 -8.82
CA VAL C 58 37.94 -12.37 -8.68
C VAL C 58 38.41 -12.86 -7.28
N PRO C 59 39.23 -13.93 -7.25
CA PRO C 59 39.61 -14.60 -6.00
C PRO C 59 40.75 -13.82 -5.30
N ARG C 60 40.43 -12.59 -4.90
CA ARG C 60 41.42 -11.73 -4.23
C ARG C 60 40.80 -11.10 -2.99
N GLN C 61 41.66 -10.77 -2.05
CA GLN C 61 41.17 -10.31 -0.73
C GLN C 61 40.83 -8.81 -0.83
N VAL C 62 39.63 -8.52 -1.32
CA VAL C 62 39.17 -7.11 -1.43
C VAL C 62 37.70 -7.15 -1.09
N LEU C 63 37.24 -6.19 -0.28
CA LEU C 63 35.80 -6.09 -0.05
C LEU C 63 35.44 -4.62 0.15
N ALA C 64 34.14 -4.30 0.06
CA ALA C 64 33.69 -2.92 0.24
C ALA C 64 32.44 -2.95 1.12
N LEU C 65 32.19 -1.85 1.86
CA LEU C 65 31.05 -1.83 2.79
C LEU C 65 30.56 -0.38 2.73
N GLU C 66 29.26 -0.18 2.70
CA GLU C 66 28.70 1.19 2.80
C GLU C 66 27.23 1.09 3.21
N LEU C 67 26.82 1.92 4.18
CA LEU C 67 25.40 1.88 4.53
C LEU C 67 24.87 3.33 4.53
N PRO C 68 24.25 3.73 3.41
CA PRO C 68 23.74 5.12 3.33
C PRO C 68 22.54 5.29 4.27
N GLU C 69 22.33 6.53 4.74
CA GLU C 69 21.25 6.78 5.69
C GLU C 69 19.85 6.40 5.09
N ALA C 70 19.68 6.61 3.79
CA ALA C 70 18.39 6.21 3.17
C ALA C 70 18.03 4.74 3.38
N LEU C 71 19.04 3.84 3.32
CA LEU C 71 18.80 2.42 3.47
C LEU C 71 18.42 2.12 4.91
N CYS C 72 19.07 2.77 5.94
CA CYS C 72 18.62 2.63 7.34
C CYS C 72 17.20 3.06 7.49
N ARG C 73 16.87 4.22 6.89
CA ARG C 73 15.59 4.84 7.12
C ARG C 73 14.41 4.07 6.49
N GLU C 74 14.73 3.23 5.51
CA GLU C 74 13.76 2.36 4.88
C GLU C 74 13.42 1.17 5.78
N CYS C 75 14.32 0.78 6.68
CA CYS C 75 13.99 -0.17 7.76
C CYS C 75 13.07 0.52 8.80
N PRO C 76 11.89 -0.07 9.16
CA PRO C 76 11.02 0.50 10.23
C PRO C 76 11.78 0.79 11.52
N PRO C 77 11.48 1.93 12.17
CA PRO C 77 12.40 2.38 13.23
C PRO C 77 12.58 1.36 14.40
N ARG C 78 11.53 0.58 14.66
CA ARG C 78 11.55 -0.51 15.64
C ARG C 78 12.57 -1.63 15.26
N GLN C 79 12.50 -2.07 14.00
CA GLN C 79 13.40 -3.09 13.50
C GLN C 79 14.79 -2.50 13.41
N ARG C 80 14.89 -1.29 12.88
CA ARG C 80 16.19 -0.56 12.90
C ARG C 80 16.84 -0.52 14.30
N ALA C 81 16.09 -0.20 15.34
CA ALA C 81 16.67 -0.15 16.63
C ALA C 81 17.07 -1.51 17.16
N LEU C 82 16.23 -2.51 16.93
CA LEU C 82 16.52 -3.89 17.40
C LEU C 82 17.80 -4.35 16.72
N ARG C 83 17.94 -4.02 15.44
CA ARG C 83 19.12 -4.48 14.69
C ARG C 83 20.35 -3.60 14.88
N GLN C 84 20.21 -2.47 15.63
CA GLN C 84 21.30 -1.49 15.84
C GLN C 84 21.92 -1.11 14.50
N MET C 85 21.06 -0.68 13.60
CA MET C 85 21.43 -0.30 12.24
C MET C 85 21.73 1.23 12.30
N GLU C 86 22.93 1.59 11.93
CA GLU C 86 23.26 3.07 11.83
C GLU C 86 24.05 3.20 10.57
N PRO C 87 23.93 4.32 9.91
CA PRO C 87 24.69 4.49 8.66
C PRO C 87 26.17 4.54 8.84
N PHE C 88 26.92 4.19 7.79
CA PHE C 88 28.37 4.44 7.78
C PHE C 88 28.85 4.67 6.36
N PRO C 89 29.95 5.41 6.22
CA PRO C 89 30.46 5.72 4.90
C PRO C 89 31.21 4.59 4.22
N LEU C 90 31.40 4.78 2.92
CA LEU C 90 32.05 3.72 2.15
C LEU C 90 33.46 3.45 2.63
N ARG C 91 33.85 2.17 2.79
CA ARG C 91 35.24 1.80 2.99
C ARG C 91 35.56 0.57 2.17
N VAL C 92 36.77 0.56 1.61
CA VAL C 92 37.21 -0.58 0.85
C VAL C 92 38.39 -1.14 1.57
N PHE C 93 38.41 -2.46 1.78
CA PHE C 93 39.57 -3.03 2.51
C PHE C 93 40.27 -4.00 1.62
N VAL C 94 41.60 -3.96 1.69
CA VAL C 94 42.42 -4.91 0.93
C VAL C 94 43.21 -5.71 1.92
N ASN C 95 43.32 -7.03 1.72
CA ASN C 95 44.00 -7.96 2.70
C ASN C 95 43.60 -7.79 4.16
N PRO C 96 42.29 -7.72 4.45
CA PRO C 96 41.86 -7.44 5.82
C PRO C 96 41.96 -8.67 6.74
N SER C 97 42.06 -8.42 8.05
CA SER C 97 41.94 -9.47 9.08
C SER C 97 40.90 -9.00 10.09
N LEU C 98 40.26 -9.96 10.73
CA LEU C 98 39.13 -9.60 11.61
C LEU C 98 39.55 -10.03 13.00
N ARG C 99 39.19 -9.20 13.98
CA ARG C 99 39.29 -9.60 15.39
C ARG C 99 37.91 -9.44 16.06
N VAL C 100 37.50 -10.48 16.79
CA VAL C 100 36.21 -10.39 17.51
C VAL C 100 36.43 -9.69 18.86
N LEU C 101 35.62 -8.64 19.07
CA LEU C 101 35.78 -7.84 20.27
C LEU C 101 34.71 -8.14 21.29
N ASP C 102 33.47 -8.43 20.86
CA ASP C 102 32.38 -8.87 21.76
C ASP C 102 31.78 -10.12 21.10
N SER C 103 32.03 -11.27 21.75
CA SER C 103 31.64 -12.57 21.18
C SER C 103 30.21 -12.95 21.49
N ARG C 104 29.43 -12.04 22.15
CA ARG C 104 28.02 -12.34 22.33
C ARG C 104 27.42 -12.47 20.94
N LEU C 105 26.51 -13.43 20.77
CA LEU C 105 25.89 -13.70 19.46
C LEU C 105 24.50 -13.05 19.34
N VAL C 106 24.25 -12.41 18.22
CA VAL C 106 23.00 -11.73 17.93
C VAL C 106 22.47 -12.39 16.63
N THR C 107 21.19 -12.71 16.61
CA THR C 107 20.62 -13.49 15.45
C THR C 107 19.52 -12.69 14.78
N PHE C 108 19.68 -12.51 13.46
CA PHE C 108 18.67 -11.87 12.61
C PHE C 108 18.73 -12.52 11.21
N PRO C 109 17.67 -12.31 10.41
CA PRO C 109 17.71 -12.83 9.03
C PRO C 109 18.76 -12.08 8.22
N GLU C 110 19.48 -12.84 7.40
CA GLU C 110 20.46 -12.25 6.53
C GLU C 110 20.30 -12.96 5.14
N GLY C 111 20.63 -12.21 4.08
CA GLY C 111 20.65 -12.76 2.66
C GLY C 111 22.07 -12.66 2.08
N CYS C 112 22.16 -12.96 0.78
CA CYS C 112 23.55 -13.00 0.15
C CYS C 112 23.27 -12.86 -1.30
N GLU C 113 23.82 -11.83 -1.91
CA GLU C 113 23.69 -11.67 -3.36
C GLU C 113 24.13 -12.88 -4.21
N SER C 114 24.98 -13.72 -3.62
CA SER C 114 25.38 -14.98 -4.32
C SER C 114 24.52 -16.19 -3.94
N VAL C 115 23.42 -16.01 -3.17
CA VAL C 115 22.41 -17.04 -3.01
C VAL C 115 21.08 -16.30 -3.22
N ALA C 116 20.95 -15.76 -4.40
CA ALA C 116 19.85 -14.83 -4.66
C ALA C 116 18.46 -15.39 -4.27
N GLY C 117 17.74 -14.53 -3.57
CA GLY C 117 16.32 -14.81 -3.36
C GLY C 117 16.01 -15.53 -2.07
N PHE C 118 17.00 -15.73 -1.20
CA PHE C 118 16.74 -16.44 0.09
C PHE C 118 17.25 -15.62 1.29
N LEU C 119 16.67 -15.87 2.44
CA LEU C 119 17.18 -15.32 3.69
C LEU C 119 17.24 -16.47 4.71
N ALA C 120 18.08 -16.31 5.77
CA ALA C 120 17.88 -17.20 6.93
C ALA C 120 18.47 -16.47 8.11
N CYS C 121 17.99 -16.85 9.27
CA CYS C 121 18.60 -16.26 10.52
C CYS C 121 20.07 -16.76 10.68
N VAL C 122 20.99 -15.87 11.08
CA VAL C 122 22.38 -16.22 11.22
C VAL C 122 22.88 -15.56 12.47
N PRO C 123 23.41 -16.34 13.39
CA PRO C 123 24.09 -15.69 14.56
C PRO C 123 25.39 -14.99 14.21
N ARG C 124 25.60 -13.76 14.72
CA ARG C 124 26.85 -13.04 14.43
C ARG C 124 27.35 -12.41 15.70
N PHE C 125 28.65 -12.16 15.74
CA PHE C 125 29.18 -11.51 16.93
C PHE C 125 28.70 -10.06 17.00
N GLN C 126 28.55 -9.61 18.25
CA GLN C 126 28.08 -8.21 18.51
C GLN C 126 29.05 -7.15 18.09
N ALA C 127 30.36 -7.36 18.25
CA ALA C 127 31.30 -6.33 17.85
C ALA C 127 32.60 -6.94 17.36
N VAL C 128 33.17 -6.28 16.38
CA VAL C 128 34.43 -6.80 15.74
C VAL C 128 35.24 -5.62 15.27
N GLN C 129 36.47 -5.86 14.93
CA GLN C 129 37.26 -4.85 14.21
C GLN C 129 37.86 -5.48 12.98
N ILE C 130 37.86 -4.72 11.90
CA ILE C 130 38.55 -5.18 10.66
C ILE C 130 39.74 -4.28 10.40
N SER C 131 40.89 -4.86 10.09
CA SER C 131 42.07 -4.03 9.89
C SER C 131 42.58 -4.45 8.49
N GLY C 132 43.01 -3.51 7.69
CA GLY C 132 43.54 -3.91 6.40
C GLY C 132 44.04 -2.68 5.72
N LEU C 133 44.28 -2.73 4.43
CA LEU C 133 44.81 -1.57 3.68
C LEU C 133 43.71 -0.91 2.90
N ASP C 134 43.73 0.41 2.77
CA ASP C 134 42.98 0.92 1.57
C ASP C 134 43.62 0.60 0.20
N PRO C 135 42.87 0.78 -0.91
CA PRO C 135 43.37 0.53 -2.28
C PRO C 135 44.66 1.30 -2.64
N ASN C 136 44.86 2.45 -1.98
CA ASN C 136 46.14 3.16 -2.05
C ASN C 136 47.25 2.62 -1.15
N GLY C 137 46.89 1.90 -0.06
CA GLY C 137 47.91 1.17 0.75
C GLY C 137 48.17 1.65 2.18
N GLU C 138 47.31 2.53 2.68
CA GLU C 138 47.34 2.95 4.07
C GLU C 138 46.62 1.99 5.03
N GLN C 139 47.20 1.73 6.18
CA GLN C 139 46.64 0.79 7.14
C GLN C 139 45.40 1.38 7.93
N VAL C 140 44.23 0.73 7.98
CA VAL C 140 42.98 1.34 8.56
C VAL C 140 42.51 0.27 9.57
N VAL C 141 42.12 0.58 10.81
CA VAL C 141 41.49 -0.36 11.69
C VAL C 141 40.09 0.23 11.90
N TRP C 142 39.03 -0.52 11.58
CA TRP C 142 37.64 0.02 11.72
C TRP C 142 36.90 -0.88 12.74
N GLN C 143 36.46 -0.31 13.87
CA GLN C 143 35.82 -1.06 14.97
C GLN C 143 34.34 -0.71 14.85
N ALA C 144 33.47 -1.74 14.91
CA ALA C 144 32.04 -1.51 14.76
C ALA C 144 31.23 -2.58 15.46
N SER C 145 29.96 -2.29 15.70
CA SER C 145 29.07 -3.24 16.45
C SER C 145 27.75 -3.36 15.67
N GLY C 146 26.89 -4.21 16.21
CA GLY C 146 25.51 -4.27 15.63
C GLY C 146 25.53 -4.63 14.14
N TRP C 147 24.67 -3.97 13.40
CA TRP C 147 24.49 -4.39 11.98
C TRP C 147 25.79 -4.23 11.18
N ALA C 148 26.52 -3.14 11.41
CA ALA C 148 27.81 -2.97 10.69
C ALA C 148 28.71 -4.15 10.97
N ALA C 149 28.77 -4.57 12.24
CA ALA C 149 29.60 -5.76 12.56
C ALA C 149 29.14 -6.99 11.80
N ARG C 150 27.82 -7.13 11.65
CA ARG C 150 27.29 -8.27 10.88
C ARG C 150 27.71 -8.23 9.42
N ILE C 151 27.60 -7.07 8.80
CA ILE C 151 28.08 -7.00 7.41
C ILE C 151 29.57 -7.23 7.25
N ILE C 152 30.38 -6.69 8.16
CA ILE C 152 31.81 -7.01 8.10
C ILE C 152 32.05 -8.51 8.14
N GLN C 153 31.37 -9.20 9.07
CA GLN C 153 31.56 -10.67 9.21
C GLN C 153 31.13 -11.39 7.92
N HIS C 154 30.01 -10.99 7.34
CA HIS C 154 29.46 -11.65 6.11
C HIS C 154 30.50 -11.48 5.03
N GLU C 155 31.04 -10.25 4.85
CA GLU C 155 32.05 -10.09 3.78
C GLU C 155 33.37 -10.77 4.06
N MET C 156 33.80 -10.73 5.35
CA MET C 156 35.03 -11.49 5.67
C MET C 156 34.88 -12.96 5.39
N ASP C 157 33.68 -13.49 5.71
CA ASP C 157 33.42 -14.90 5.46
C ASP C 157 33.61 -15.19 3.94
N HIS C 158 33.13 -14.31 3.09
CA HIS C 158 33.27 -14.55 1.62
C HIS C 158 34.77 -14.72 1.23
N LEU C 159 35.67 -14.04 1.93
CA LEU C 159 37.07 -14.11 1.55
C LEU C 159 37.69 -15.38 2.06
N GLN C 160 37.01 -16.09 2.97
CA GLN C 160 37.50 -17.37 3.40
C GLN C 160 36.70 -18.55 2.78
N GLY C 161 35.83 -18.24 1.81
CA GLY C 161 35.11 -19.31 1.05
C GLY C 161 33.86 -19.76 1.83
N CYS C 162 33.39 -18.94 2.79
CA CYS C 162 32.25 -19.27 3.65
C CYS C 162 31.01 -18.44 3.26
N LEU C 163 29.86 -19.10 3.21
CA LEU C 163 28.61 -18.42 2.87
C LEU C 163 27.67 -18.56 4.04
N PHE C 164 26.65 -17.72 4.07
CA PHE C 164 25.78 -17.69 5.28
C PHE C 164 25.08 -19.02 5.52
N ILE C 165 24.83 -19.79 4.44
CA ILE C 165 24.17 -21.12 4.57
C ILE C 165 25.01 -22.11 5.36
N ASP C 166 26.29 -21.78 5.63
CA ASP C 166 27.14 -22.65 6.40
C ASP C 166 26.96 -22.38 7.89
N LYS C 167 26.31 -21.26 8.23
CA LYS C 167 26.27 -20.79 9.62
C LYS C 167 24.86 -20.56 10.11
N MET C 168 23.89 -20.70 9.21
CA MET C 168 22.48 -20.37 9.53
C MET C 168 21.78 -21.31 10.48
N ASP C 169 20.66 -20.82 11.03
CA ASP C 169 19.66 -21.66 11.60
C ASP C 169 18.80 -22.16 10.46
N SER C 170 19.09 -23.38 10.01
CA SER C 170 18.49 -23.86 8.74
C SER C 170 16.95 -23.91 8.74
N ARG C 171 16.33 -23.99 9.93
CA ARG C 171 14.83 -24.04 9.97
C ARG C 171 14.22 -22.71 9.66
N THR C 172 15.06 -21.67 9.54
CA THR C 172 14.55 -20.34 9.16
C THR C 172 14.83 -19.93 7.77
N PHE C 173 15.43 -20.86 7.02
CA PHE C 173 15.75 -20.53 5.58
C PHE C 173 14.44 -20.35 4.82
N THR C 174 14.37 -19.31 3.96
CA THR C 174 13.06 -19.08 3.28
C THR C 174 13.34 -18.36 1.97
N ASN C 175 12.48 -18.67 0.97
CA ASN C 175 12.42 -17.75 -0.19
C ASN C 175 11.94 -16.36 0.31
N VAL C 176 12.42 -15.33 -0.40
CA VAL C 176 12.09 -13.97 0.02
C VAL C 176 10.58 -13.69 -0.14
N TYR C 177 9.88 -14.48 -0.99
CA TYR C 177 8.47 -14.23 -1.14
C TYR C 177 7.56 -14.82 0.00
N TRP C 178 8.21 -15.49 0.96
CA TRP C 178 7.44 -15.93 2.16
C TRP C 178 7.98 -15.07 3.30
N MET C 179 7.06 -14.57 4.12
CA MET C 179 7.47 -13.73 5.26
C MET C 179 6.48 -13.85 6.42
N LYS C 180 7.03 -13.62 7.62
CA LYS C 180 6.19 -13.38 8.85
C LYS C 180 5.66 -11.98 8.90
N VAL C 181 4.38 -11.82 9.22
CA VAL C 181 3.78 -10.49 9.30
C VAL C 181 2.98 -10.39 10.61
N ASN C 182 2.67 -9.16 11.04
CA ASN C 182 1.86 -8.89 12.24
C ASN C 182 0.39 -9.02 11.93
N ASP C 183 -0.35 -9.74 12.77
CA ASP C 183 -1.82 -9.77 12.62
C ASP C 183 -2.45 -8.41 12.94
N HIS D 1 -11.92 -31.60 -17.43
CA HIS D 1 -11.63 -31.35 -15.97
C HIS D 1 -10.14 -31.59 -15.54
N MET D 2 -9.40 -30.50 -15.68
CA MET D 2 -8.05 -30.37 -15.14
C MET D 2 -8.01 -29.29 -14.04
N SER D 3 -7.10 -29.41 -13.06
CA SER D 3 -6.95 -28.34 -12.10
C SER D 3 -5.44 -28.08 -11.91
N PHE D 4 -5.09 -27.10 -11.10
CA PHE D 4 -3.65 -26.84 -10.84
C PHE D 4 -3.24 -27.43 -9.51
N SER D 5 -2.02 -27.94 -9.44
CA SER D 5 -1.36 -28.33 -8.19
C SER D 5 -0.02 -27.66 -8.11
N HIS D 6 0.43 -27.44 -6.90
CA HIS D 6 1.71 -26.83 -6.77
C HIS D 6 2.48 -27.44 -5.67
N VAL D 7 3.79 -27.55 -5.87
CA VAL D 7 4.63 -28.03 -4.76
C VAL D 7 5.09 -26.84 -3.93
N CYS D 8 4.73 -26.85 -2.63
CA CYS D 8 5.04 -25.73 -1.71
C CYS D 8 6.59 -25.55 -1.59
N GLN D 9 7.06 -24.30 -1.54
CA GLN D 9 8.51 -24.01 -1.51
C GLN D 9 8.92 -23.53 -0.14
N VAL D 10 10.24 -23.74 0.15
CA VAL D 10 10.72 -23.43 1.49
C VAL D 10 10.46 -21.99 1.86
N GLY D 11 9.99 -21.85 3.08
CA GLY D 11 9.38 -20.56 3.57
C GLY D 11 7.93 -20.85 3.98
N ASP D 12 7.23 -21.73 3.24
CA ASP D 12 5.87 -22.07 3.60
C ASP D 12 5.93 -22.85 4.95
N PRO D 13 5.27 -22.34 5.98
CA PRO D 13 5.40 -23.06 7.29
C PRO D 13 4.88 -24.49 7.28
N VAL D 14 4.04 -24.82 6.31
CA VAL D 14 3.52 -26.20 6.26
C VAL D 14 4.66 -27.20 6.12
N LEU D 15 5.82 -26.75 5.57
CA LEU D 15 6.94 -27.68 5.40
C LEU D 15 7.75 -27.91 6.65
N ARG D 16 7.47 -27.08 7.67
CA ARG D 16 8.28 -27.15 8.90
C ARG D 16 7.47 -27.70 10.06
N GLY D 17 6.18 -27.85 9.84
CA GLY D 17 5.33 -28.41 10.91
C GLY D 17 5.49 -29.91 11.04
N VAL D 18 4.95 -30.47 12.13
CA VAL D 18 4.95 -31.96 12.22
C VAL D 18 3.57 -32.38 11.74
N ALA D 19 3.50 -33.14 10.66
CA ALA D 19 2.21 -33.51 10.05
C ALA D 19 1.37 -34.33 11.02
N ALA D 20 0.07 -34.03 11.02
CA ALA D 20 -0.94 -34.80 11.87
C ALA D 20 -1.29 -36.13 11.25
N PRO D 21 -1.59 -37.11 12.08
CA PRO D 21 -2.04 -38.38 11.53
C PRO D 21 -3.33 -38.25 10.75
N VAL D 22 -3.51 -39.17 9.82
CA VAL D 22 -4.78 -39.36 9.17
C VAL D 22 -5.69 -40.07 10.19
N GLU D 23 -6.89 -39.50 10.37
CA GLU D 23 -7.87 -40.04 11.27
C GLU D 23 -8.38 -41.33 10.67
N ARG D 24 -8.65 -42.30 11.52
CA ARG D 24 -9.16 -43.60 11.06
C ARG D 24 -10.44 -43.48 10.22
N ALA D 25 -11.27 -42.46 10.51
CA ALA D 25 -12.56 -42.21 9.81
C ALA D 25 -12.30 -41.85 8.36
N GLN D 26 -11.07 -41.45 8.07
CA GLN D 26 -10.69 -41.11 6.71
C GLN D 26 -10.20 -42.28 5.84
N LEU D 27 -9.82 -43.37 6.46
CA LEU D 27 -9.24 -44.52 5.72
C LEU D 27 -10.20 -45.13 4.72
N GLY D 28 -9.77 -45.29 3.48
CA GLY D 28 -10.64 -45.93 2.49
C GLY D 28 -11.62 -44.90 1.90
N GLY D 29 -11.62 -43.68 2.44
CA GLY D 29 -12.56 -42.60 2.04
C GLY D 29 -12.15 -41.81 0.79
N PRO D 30 -13.10 -41.08 0.17
CA PRO D 30 -12.83 -40.26 -1.05
C PRO D 30 -11.82 -39.11 -0.91
N GLU D 31 -11.77 -38.44 0.26
CA GLU D 31 -10.85 -37.27 0.46
C GLU D 31 -9.41 -37.79 0.41
N LEU D 32 -9.16 -38.85 1.18
CA LEU D 32 -7.83 -39.45 1.17
C LEU D 32 -7.51 -40.04 -0.21
N GLN D 33 -8.48 -40.64 -0.88
CA GLN D 33 -8.19 -41.10 -2.23
C GLN D 33 -7.83 -39.89 -3.18
N ARG D 34 -8.46 -38.75 -3.05
CA ARG D 34 -8.11 -37.65 -3.89
C ARG D 34 -6.67 -37.18 -3.60
N LEU D 35 -6.33 -37.14 -2.30
CA LEU D 35 -4.99 -36.69 -1.90
C LEU D 35 -3.97 -37.65 -2.45
N THR D 36 -4.19 -38.98 -2.31
CA THR D 36 -3.18 -39.94 -2.80
C THR D 36 -3.05 -39.90 -4.31
N GLN D 37 -4.20 -39.72 -5.00
CA GLN D 37 -4.13 -39.60 -6.44
C GLN D 37 -3.30 -38.36 -6.85
N ARG D 38 -3.50 -37.25 -6.16
CA ARG D 38 -2.78 -36.01 -6.44
C ARG D 38 -1.26 -36.15 -6.23
N LEU D 39 -0.92 -36.79 -5.11
CA LEU D 39 0.48 -37.01 -4.82
C LEU D 39 1.13 -37.79 -5.91
N VAL D 40 0.48 -38.88 -6.31
CA VAL D 40 1.10 -39.74 -7.32
C VAL D 40 1.16 -39.05 -8.67
N GLN D 41 0.13 -38.26 -9.05
CA GLN D 41 0.17 -37.55 -10.27
C GLN D 41 1.34 -36.57 -10.34
N VAL D 42 1.57 -35.83 -9.24
CA VAL D 42 2.65 -34.83 -9.26
C VAL D 42 3.98 -35.53 -9.28
N MET D 43 4.06 -36.59 -8.46
CA MET D 43 5.30 -37.41 -8.51
C MET D 43 5.67 -37.92 -9.93
N ARG D 44 4.69 -38.44 -10.66
CA ARG D 44 4.91 -38.88 -12.00
C ARG D 44 5.22 -37.73 -13.00
N ARG D 45 4.52 -36.59 -12.90
CA ARG D 45 4.84 -35.44 -13.70
C ARG D 45 6.24 -34.91 -13.53
N ARG D 46 6.64 -34.75 -12.25
CA ARG D 46 7.96 -34.22 -11.95
C ARG D 46 9.12 -35.24 -11.97
N ARG D 47 8.77 -36.51 -12.18
CA ARG D 47 9.74 -37.67 -12.11
C ARG D 47 10.49 -37.70 -10.83
N CYS D 48 9.82 -37.32 -9.74
CA CYS D 48 10.48 -37.33 -8.44
C CYS D 48 10.13 -38.74 -7.90
N VAL D 49 10.99 -39.31 -7.15
CA VAL D 49 10.86 -40.70 -6.74
C VAL D 49 10.02 -40.78 -5.51
N GLY D 50 9.85 -39.68 -4.81
CA GLY D 50 8.91 -39.73 -3.64
C GLY D 50 8.32 -38.34 -3.48
N LEU D 51 7.24 -38.24 -2.71
CA LEU D 51 6.62 -36.93 -2.43
C LEU D 51 5.72 -37.11 -1.20
N SER D 52 5.50 -36.03 -0.45
CA SER D 52 4.69 -36.16 0.80
C SER D 52 3.59 -35.13 0.79
N ALA D 53 2.53 -35.39 1.55
CA ALA D 53 1.39 -34.47 1.53
C ALA D 53 1.67 -33.03 1.95
N PRO D 54 2.62 -32.82 2.90
CA PRO D 54 2.83 -31.40 3.28
C PRO D 54 3.35 -30.61 2.10
N GLN D 55 4.02 -31.27 1.14
CA GLN D 55 4.52 -30.55 -0.02
C GLN D 55 3.43 -30.13 -0.96
N LEU D 56 2.23 -30.75 -0.85
CA LEU D 56 1.06 -30.23 -1.61
C LEU D 56 0.15 -29.37 -0.69
N GLY D 57 0.67 -28.94 0.44
CA GLY D 57 -0.01 -28.02 1.36
C GLY D 57 -0.92 -28.72 2.34
N VAL D 58 -0.80 -30.02 2.48
CA VAL D 58 -1.69 -30.80 3.37
C VAL D 58 -0.92 -31.40 4.53
N PRO D 59 -1.16 -30.87 5.74
CA PRO D 59 -0.32 -31.21 6.89
C PRO D 59 -0.78 -32.56 7.49
N ARG D 60 -0.73 -33.60 6.64
CA ARG D 60 -1.09 -34.96 7.10
C ARG D 60 -0.01 -35.96 6.78
N GLN D 61 -0.01 -37.02 7.60
CA GLN D 61 1.01 -38.07 7.45
C GLN D 61 0.75 -39.01 6.27
N VAL D 62 1.05 -38.53 5.05
CA VAL D 62 0.84 -39.40 3.86
C VAL D 62 2.05 -39.20 2.94
N LEU D 63 2.59 -40.27 2.40
CA LEU D 63 3.76 -40.11 1.48
C LEU D 63 3.64 -41.16 0.41
N ALA D 64 4.23 -40.89 -0.77
CA ALA D 64 4.24 -41.91 -1.84
C ALA D 64 5.64 -42.10 -2.37
N LEU D 65 5.98 -43.28 -2.90
CA LEU D 65 7.35 -43.57 -3.33
C LEU D 65 7.21 -44.47 -4.54
N GLU D 66 8.01 -44.23 -5.59
CA GLU D 66 7.92 -45.11 -6.80
C GLU D 66 9.22 -44.86 -7.58
N LEU D 67 9.93 -45.92 -7.95
CA LEU D 67 11.10 -45.73 -8.76
C LEU D 67 11.02 -46.63 -10.03
N PRO D 68 10.61 -46.03 -11.16
CA PRO D 68 10.43 -46.88 -12.37
C PRO D 68 11.77 -47.26 -12.93
N GLU D 69 11.79 -48.41 -13.66
CA GLU D 69 13.00 -48.89 -14.34
C GLU D 69 13.73 -47.84 -15.23
N ALA D 70 12.95 -47.03 -15.96
CA ALA D 70 13.52 -45.98 -16.87
C ALA D 70 14.38 -44.96 -16.15
N LEU D 71 13.90 -44.46 -15.00
CA LEU D 71 14.74 -43.58 -14.17
C LEU D 71 16.08 -44.21 -13.75
N CYS D 72 16.06 -45.50 -13.33
CA CYS D 72 17.33 -46.15 -12.98
C CYS D 72 18.24 -46.25 -14.17
N ARG D 73 17.60 -46.53 -15.31
CA ARG D 73 18.33 -46.83 -16.52
C ARG D 73 19.06 -45.64 -17.10
N GLU D 74 18.55 -44.45 -16.82
CA GLU D 74 19.13 -43.21 -17.26
C GLU D 74 20.35 -42.83 -16.41
N CYS D 75 20.50 -43.45 -15.23
CA CYS D 75 21.68 -43.23 -14.41
C CYS D 75 22.86 -44.06 -15.00
N PRO D 76 24.04 -43.43 -15.27
CA PRO D 76 25.18 -44.20 -15.80
C PRO D 76 25.42 -45.41 -14.91
N PRO D 77 25.84 -46.52 -15.50
CA PRO D 77 25.92 -47.77 -14.77
C PRO D 77 26.76 -47.71 -13.47
N ARG D 78 27.90 -47.01 -13.52
CA ARG D 78 28.80 -46.98 -12.35
C ARG D 78 28.17 -46.24 -11.21
N GLN D 79 27.48 -45.15 -11.54
CA GLN D 79 26.77 -44.33 -10.55
C GLN D 79 25.59 -45.15 -9.98
N ARG D 80 24.87 -45.85 -10.87
CA ARG D 80 23.73 -46.66 -10.43
C ARG D 80 24.18 -47.69 -9.39
N ALA D 81 25.31 -48.35 -9.64
CA ALA D 81 25.77 -49.38 -8.75
C ALA D 81 26.27 -48.76 -7.43
N LEU D 82 26.97 -47.63 -7.52
CA LEU D 82 27.53 -46.97 -6.28
C LEU D 82 26.35 -46.50 -5.44
N ARG D 83 25.31 -45.94 -6.06
CA ARG D 83 24.14 -45.42 -5.30
C ARG D 83 23.13 -46.51 -4.89
N GLN D 84 23.41 -47.77 -5.33
CA GLN D 84 22.48 -48.93 -5.11
C GLN D 84 21.07 -48.53 -5.50
N MET D 85 20.94 -48.08 -6.75
CA MET D 85 19.66 -47.57 -7.23
C MET D 85 19.02 -48.66 -8.04
N GLU D 86 17.87 -49.17 -7.58
CA GLU D 86 17.15 -50.27 -8.25
C GLU D 86 15.67 -49.97 -8.17
N PRO D 87 14.92 -50.43 -9.15
CA PRO D 87 13.52 -50.00 -9.27
C PRO D 87 12.68 -50.64 -8.21
N PHE D 88 11.61 -49.96 -7.84
CA PHE D 88 10.61 -50.54 -6.96
C PHE D 88 9.22 -49.95 -7.33
N PRO D 89 8.15 -50.71 -7.09
CA PRO D 89 6.83 -50.20 -7.47
C PRO D 89 6.26 -49.18 -6.50
N LEU D 90 5.19 -48.55 -6.97
CA LEU D 90 4.48 -47.53 -6.14
C LEU D 90 4.06 -48.12 -4.81
N ARG D 91 4.42 -47.40 -3.73
CA ARG D 91 3.85 -47.60 -2.38
C ARG D 91 3.35 -46.29 -1.81
N VAL D 92 2.16 -46.32 -1.21
CA VAL D 92 1.64 -45.14 -0.53
C VAL D 92 1.56 -45.52 0.95
N PHE D 93 2.10 -44.67 1.84
CA PHE D 93 2.06 -44.94 3.29
C PHE D 93 1.27 -43.85 3.99
N VAL D 94 0.42 -44.28 4.93
CA VAL D 94 -0.40 -43.38 5.73
C VAL D 94 0.03 -43.66 7.16
N ASN D 95 0.22 -42.60 7.92
CA ASN D 95 0.69 -42.70 9.30
C ASN D 95 1.94 -43.61 9.51
N PRO D 96 2.99 -43.44 8.70
CA PRO D 96 4.13 -44.31 8.83
C PRO D 96 5.07 -44.01 9.97
N SER D 97 5.85 -45.04 10.34
CA SER D 97 6.91 -44.84 11.33
C SER D 97 8.18 -45.47 10.74
N LEU D 98 9.33 -45.02 11.24
CA LEU D 98 10.58 -45.49 10.63
C LEU D 98 11.48 -46.07 11.70
N ARG D 99 12.17 -47.17 11.37
CA ARG D 99 13.23 -47.71 12.25
C ARG D 99 14.45 -47.97 11.40
N VAL D 100 15.58 -47.64 11.96
CA VAL D 100 16.84 -47.77 11.23
C VAL D 100 17.28 -49.20 11.35
N LEU D 101 17.62 -49.79 10.22
CA LEU D 101 18.06 -51.21 10.22
C LEU D 101 19.55 -51.33 10.08
N ASP D 102 20.15 -50.44 9.30
CA ASP D 102 21.61 -50.41 9.14
C ASP D 102 22.04 -48.96 9.24
N SER D 103 22.76 -48.60 10.30
CA SER D 103 22.97 -47.23 10.66
C SER D 103 24.25 -46.69 10.01
N ARG D 104 24.93 -47.50 9.20
CA ARG D 104 26.05 -46.99 8.42
C ARG D 104 25.59 -45.81 7.57
N LEU D 105 26.38 -44.75 7.54
CA LEU D 105 25.97 -43.51 6.75
C LEU D 105 26.57 -43.52 5.36
N VAL D 106 25.74 -43.10 4.37
CA VAL D 106 26.18 -43.06 3.00
C VAL D 106 25.82 -41.64 2.51
N THR D 107 26.78 -41.04 1.81
CA THR D 107 26.57 -39.61 1.41
C THR D 107 26.54 -39.52 -0.10
N PHE D 108 25.46 -38.85 -0.62
CA PHE D 108 25.35 -38.59 -2.07
C PHE D 108 24.60 -37.25 -2.13
N PRO D 109 24.69 -36.60 -3.30
CA PRO D 109 23.83 -35.43 -3.53
C PRO D 109 22.36 -35.75 -3.55
N GLU D 110 21.55 -34.85 -2.99
CA GLU D 110 20.13 -35.04 -2.99
C GLU D 110 19.51 -33.66 -3.33
N GLY D 111 18.31 -33.64 -3.92
CA GLY D 111 17.55 -32.35 -4.02
C GLY D 111 16.17 -32.51 -3.42
N CYS D 112 15.34 -31.48 -3.62
CA CYS D 112 14.03 -31.58 -3.02
C CYS D 112 13.11 -30.71 -3.91
N GLU D 113 11.96 -31.25 -4.26
CA GLU D 113 11.04 -30.47 -5.13
C GLU D 113 10.54 -29.18 -4.41
N SER D 114 10.63 -29.11 -3.05
CA SER D 114 10.24 -27.93 -2.28
C SER D 114 11.42 -26.97 -2.03
N VAL D 115 12.60 -27.27 -2.59
CA VAL D 115 13.74 -26.31 -2.63
C VAL D 115 14.29 -26.39 -4.10
N ALA D 116 13.42 -25.97 -5.00
CA ALA D 116 13.59 -26.24 -6.44
C ALA D 116 14.97 -25.63 -6.92
N GLY D 117 15.69 -26.48 -7.64
CA GLY D 117 16.88 -26.02 -8.39
C GLY D 117 18.19 -26.19 -7.66
N PHE D 118 18.21 -26.91 -6.53
CA PHE D 118 19.51 -26.99 -5.73
C PHE D 118 19.77 -28.40 -5.36
N LEU D 119 21.02 -28.75 -5.11
CA LEU D 119 21.38 -30.11 -4.67
C LEU D 119 22.39 -29.88 -3.53
N ALA D 120 22.50 -30.86 -2.61
CA ALA D 120 23.66 -30.85 -1.74
C ALA D 120 23.84 -32.28 -1.27
N CYS D 121 25.03 -32.59 -0.84
CA CYS D 121 25.32 -33.94 -0.32
C CYS D 121 24.71 -34.11 1.08
N VAL D 122 24.07 -35.26 1.30
CA VAL D 122 23.34 -35.48 2.59
C VAL D 122 23.68 -36.91 3.00
N PRO D 123 24.17 -37.08 4.24
CA PRO D 123 24.37 -38.43 4.80
C PRO D 123 23.01 -39.07 5.15
N ARG D 124 22.87 -40.38 4.77
CA ARG D 124 21.62 -41.08 5.08
C ARG D 124 22.01 -42.49 5.55
N PHE D 125 21.12 -43.06 6.35
CA PHE D 125 21.41 -44.43 6.80
C PHE D 125 21.29 -45.43 5.62
N GLN D 126 22.12 -46.48 5.66
CA GLN D 126 22.12 -47.46 4.56
C GLN D 126 20.80 -48.23 4.46
N ALA D 127 20.15 -48.56 5.56
CA ALA D 127 18.90 -49.35 5.41
C ALA D 127 17.90 -49.00 6.51
N VAL D 128 16.62 -48.98 6.19
CA VAL D 128 15.58 -48.55 7.15
C VAL D 128 14.38 -49.40 6.94
N GLN D 129 13.47 -49.39 7.94
CA GLN D 129 12.19 -50.08 7.72
C GLN D 129 11.11 -49.02 7.88
N ILE D 130 10.18 -48.94 6.90
CA ILE D 130 9.05 -48.06 7.06
C ILE D 130 7.80 -48.94 7.22
N SER D 131 6.99 -48.61 8.20
CA SER D 131 5.78 -49.38 8.51
C SER D 131 4.61 -48.43 8.59
N GLY D 132 3.47 -48.78 8.02
CA GLY D 132 2.34 -47.82 8.16
C GLY D 132 1.13 -48.49 7.58
N LEU D 133 0.16 -47.68 7.19
CA LEU D 133 -1.07 -48.22 6.62
C LEU D 133 -1.09 -47.87 5.19
N ASP D 134 -1.70 -48.71 4.38
CA ASP D 134 -2.06 -48.26 3.03
C ASP D 134 -3.37 -47.45 3.10
N PRO D 135 -3.80 -46.78 1.99
CA PRO D 135 -4.94 -45.83 2.16
C PRO D 135 -6.26 -46.51 2.61
N ASN D 136 -6.28 -47.83 2.49
CA ASN D 136 -7.45 -48.65 2.93
C ASN D 136 -7.30 -49.18 4.34
N GLY D 137 -6.20 -48.85 5.02
CA GLY D 137 -6.06 -49.29 6.42
C GLY D 137 -5.34 -50.59 6.65
N GLU D 138 -4.89 -51.23 5.59
CA GLU D 138 -4.11 -52.46 5.78
C GLU D 138 -2.66 -52.13 6.14
N GLN D 139 -2.10 -52.96 7.02
CA GLN D 139 -0.72 -52.79 7.49
C GLN D 139 0.26 -53.03 6.34
N VAL D 140 1.26 -52.15 6.16
CA VAL D 140 2.30 -52.40 5.15
C VAL D 140 3.66 -52.20 5.80
N VAL D 141 4.61 -53.12 5.54
CA VAL D 141 5.99 -52.96 6.12
C VAL D 141 6.98 -53.14 4.99
N TRP D 142 7.98 -52.26 4.91
CA TRP D 142 8.93 -52.43 3.85
C TRP D 142 10.33 -52.17 4.41
N GLN D 143 11.17 -53.19 4.34
CA GLN D 143 12.56 -53.03 4.73
C GLN D 143 13.32 -52.72 3.44
N ALA D 144 14.04 -51.59 3.42
CA ALA D 144 14.71 -51.12 2.20
C ALA D 144 16.13 -50.70 2.43
N SER D 145 16.96 -50.75 1.36
CA SER D 145 18.34 -50.30 1.54
C SER D 145 18.78 -49.47 0.36
N GLY D 146 19.94 -48.83 0.49
CA GLY D 146 20.47 -48.04 -0.62
C GLY D 146 19.65 -46.83 -0.96
N TRP D 147 19.45 -46.63 -2.27
CA TRP D 147 18.77 -45.42 -2.70
C TRP D 147 17.32 -45.39 -2.27
N ALA D 148 16.65 -46.55 -2.27
CA ALA D 148 15.25 -46.67 -1.76
C ALA D 148 15.20 -46.18 -0.31
N ALA D 149 16.19 -46.54 0.50
CA ALA D 149 16.20 -46.12 1.95
C ALA D 149 16.44 -44.61 2.01
N ARG D 150 17.25 -44.06 1.11
CA ARG D 150 17.42 -42.58 1.13
C ARG D 150 16.11 -41.84 0.83
N ILE D 151 15.38 -42.28 -0.19
CA ILE D 151 14.07 -41.64 -0.48
C ILE D 151 13.06 -41.75 0.64
N ILE D 152 13.01 -42.93 1.27
CA ILE D 152 12.16 -43.13 2.41
C ILE D 152 12.54 -42.08 3.50
N GLN D 153 13.82 -41.96 3.79
CA GLN D 153 14.28 -41.04 4.84
C GLN D 153 13.90 -39.57 4.48
N HIS D 154 14.05 -39.23 3.19
CA HIS D 154 13.77 -37.86 2.76
C HIS D 154 12.27 -37.58 2.97
N GLU D 155 11.42 -38.52 2.55
CA GLU D 155 9.96 -38.29 2.70
C GLU D 155 9.53 -38.34 4.16
N MET D 156 10.09 -39.27 4.93
CA MET D 156 9.71 -39.30 6.37
C MET D 156 10.15 -37.99 7.08
N ASP D 157 11.30 -37.46 6.67
CA ASP D 157 11.71 -36.17 7.20
C ASP D 157 10.68 -35.08 6.88
N HIS D 158 10.11 -35.06 5.67
CA HIS D 158 9.15 -34.04 5.34
C HIS D 158 7.93 -34.14 6.31
N LEU D 159 7.57 -35.36 6.78
CA LEU D 159 6.40 -35.49 7.68
C LEU D 159 6.75 -34.98 9.08
N GLN D 160 8.03 -34.92 9.37
CA GLN D 160 8.52 -34.32 10.63
C GLN D 160 8.88 -32.84 10.55
N GLY D 161 8.77 -32.23 9.36
CA GLY D 161 9.01 -30.77 9.24
C GLY D 161 10.49 -30.51 8.98
N CYS D 162 11.17 -31.57 8.51
CA CYS D 162 12.64 -31.54 8.30
C CYS D 162 12.95 -31.57 6.79
N LEU D 163 13.81 -30.64 6.33
CA LEU D 163 14.25 -30.56 4.95
C LEU D 163 15.71 -30.90 4.82
N PHE D 164 16.11 -31.30 3.62
CA PHE D 164 17.50 -31.78 3.43
C PHE D 164 18.52 -30.72 3.81
N ILE D 165 18.13 -29.44 3.67
CA ILE D 165 19.07 -28.34 4.06
C ILE D 165 19.39 -28.31 5.56
N ASP D 166 18.64 -29.11 6.36
CA ASP D 166 18.87 -29.16 7.82
C ASP D 166 19.98 -30.23 8.09
N LYS D 167 20.32 -31.05 7.12
CA LYS D 167 21.15 -32.21 7.31
C LYS D 167 22.36 -32.24 6.37
N MET D 168 22.38 -31.32 5.43
CA MET D 168 23.37 -31.32 4.31
C MET D 168 24.77 -30.98 4.75
N ASP D 169 25.73 -31.38 3.90
CA ASP D 169 27.08 -30.77 3.99
C ASP D 169 27.00 -29.45 3.20
N SER D 170 26.85 -28.37 3.96
CA SER D 170 26.49 -27.09 3.31
C SER D 170 27.50 -26.61 2.26
N ARG D 171 28.76 -27.02 2.39
CA ARG D 171 29.78 -26.58 1.40
C ARG D 171 29.56 -27.23 0.04
N THR D 172 28.67 -28.23 -0.03
CA THR D 172 28.33 -28.84 -1.32
C THR D 172 27.05 -28.36 -1.90
N PHE D 173 26.39 -27.40 -1.27
CA PHE D 173 25.14 -26.87 -1.81
C PHE D 173 25.43 -26.15 -3.14
N THR D 174 24.55 -26.42 -4.16
CA THR D 174 24.81 -25.83 -5.47
C THR D 174 23.53 -25.64 -6.24
N ASN D 175 23.54 -24.58 -7.06
CA ASN D 175 22.49 -24.49 -8.08
C ASN D 175 22.74 -25.66 -9.03
N VAL D 176 21.65 -26.14 -9.64
CA VAL D 176 21.82 -27.32 -10.53
C VAL D 176 22.58 -26.99 -11.80
N TYR D 177 22.63 -25.72 -12.16
CA TYR D 177 23.35 -25.30 -13.37
C TYR D 177 24.87 -25.18 -13.19
N TRP D 178 25.32 -25.50 -11.95
CA TRP D 178 26.76 -25.69 -11.69
C TRP D 178 27.04 -27.15 -11.42
N MET D 179 28.13 -27.65 -12.01
CA MET D 179 28.38 -29.12 -11.78
C MET D 179 29.83 -29.40 -11.96
N LYS D 180 30.22 -30.55 -11.33
CA LYS D 180 31.60 -31.05 -11.51
C LYS D 180 31.62 -31.94 -12.74
N VAL D 181 32.71 -31.87 -13.46
CA VAL D 181 32.87 -32.54 -14.72
C VAL D 181 34.29 -33.19 -14.76
N ASN D 182 34.43 -34.20 -15.63
CA ASN D 182 35.74 -34.84 -15.94
C ASN D 182 36.45 -34.04 -17.01
N ASP D 183 37.76 -33.86 -16.85
CA ASP D 183 38.54 -33.18 -17.89
C ASP D 183 38.82 -34.15 -19.05
#